data_6S1X
#
_entry.id   6S1X
#
_cell.length_a   101.404
_cell.length_b   130.150
_cell.length_c   159.268
_cell.angle_alpha   90.00
_cell.angle_beta   90.00
_cell.angle_gamma   90.00
#
_symmetry.space_group_name_H-M   'I 2 2 2'
#
loop_
_entity.id
_entity.type
_entity.pdbx_description
1 polymer 'Glutamate carboxypeptidase 2'
2 branched 2-acetamido-2-deoxy-beta-D-glucopyranose-(1-4)-2-acetamido-2-deoxy-beta-D-glucopyranose
3 branched beta-D-mannopyranose-(1-4)-2-acetamido-2-deoxy-beta-D-glucopyranose-(1-4)-2-acetamido-2-deoxy-beta-D-glucopyranose
4 branched alpha-D-mannopyranose-(1-3)-[alpha-D-mannopyranose-(1-6)]beta-D-mannopyranose-(1-4)-2-acetamido-2-deoxy-beta-D-glucopyranose-(1-4)-2-acetamido-2-deoxy-beta-D-glucopyranose
5 non-polymer 2-acetamido-2-deoxy-beta-D-glucopyranose
6 non-polymer 'ZINC ION'
7 non-polymer 'CALCIUM ION'
8 non-polymer 'CHLORIDE ION'
9 non-polymer '(2~{S})-2-[[(3~{S})-3-[3-[(4-iodophenyl)carbonylamino]propanoylamino]-4-oxidanyl-4-oxidanylidene-butyl]carbamoylamino]pentanedioic acid'
10 water water
#
_entity_poly.entity_id   1
_entity_poly.type   'polypeptide(L)'
_entity_poly.pdbx_seq_one_letter_code
;KSSNEATNITPKHNMKAFLDELKAENIKKFLYNFTQIPHLAGTEQNFQLAKQIQSQWKEFGLDSVELAHYDVLLSYPNKT
HPNYISIINEDGNEIFNTSLFEPPPPGYENVSDIVPPFSAFSPQGMPEGDLVYVNYARTEDFFKLERDMKINCSGKIVIA
RYGKVFRGNKVKNAQLAGAKGVILYSDPADYFAPGVKSYPDGWNLPGGGVQRGNILNLNGAGDPLTPGYPANEYAYRRGI
AEAVGLPSIPVHPIGYYDAQKLLEKMGGSAPPDSSWRGSLKVPYNVGPGFTGNFSTQKVKMHIHSTNEVTRIYNVIGTLR
GAVEPDRYVILGGHRDSWVFGGIDPQSGAAVVHEIVRSFGTLKKEGWRPRRTILFASWDAMEFGLLGSTEWAEENSRLLQ
ERGVAYINADSSIEGNYTLRVDCTPLMYSLVHNLTKELKSPDEGFEGKSLYESWTKKSPSPEFSGMPRISKLGSGNDFEV
FFQRLGIASGRARYTKNWETNKFSGYPLYHSVYETYELVEKFYDPMFKYHLTVAQVRGGMVFELANSIVLPFDCRDYAVV
LRKYADKIYSISMKHPQEMKTYSVSFDSLFSAVKNFTEIASKFSERLQDFDKSNPIVLRMMNDQLMFLERAFIDPLGLPD
RPFYRHVIYAPSSHNKYAGESFPGIYDALFDIESKVDPSKAWGEVKRQIYVAAFTVQAAAETLSEVA
;
_entity_poly.pdbx_strand_id   A
#
loop_
_chem_comp.id
_chem_comp.type
_chem_comp.name
_chem_comp.formula
BMA D-saccharide, beta linking beta-D-mannopyranose 'C6 H12 O6'
CA non-polymer 'CALCIUM ION' 'Ca 2'
CL non-polymer 'CHLORIDE ION' 'Cl -1'
KRZ non-polymer '(2~{S})-2-[[(3~{S})-3-[3-[(4-iodophenyl)carbonylamino]propanoylamino]-4-oxidanyl-4-oxidanylidene-butyl]carbamoylamino]pentanedioic acid' 'C20 H25 I N4 O9'
MAN D-saccharide, alpha linking alpha-D-mannopyranose 'C6 H12 O6'
NAG D-saccharide, beta linking 2-acetamido-2-deoxy-beta-D-glucopyranose 'C8 H15 N O6'
ZN non-polymer 'ZINC ION' 'Zn 2'
#
# COMPACT_ATOMS: atom_id res chain seq x y z
N LYS A 12 14.22 33.14 -11.04
CA LYS A 12 14.22 32.71 -9.61
C LYS A 12 14.25 31.19 -9.51
N HIS A 13 14.77 30.72 -8.39
CA HIS A 13 14.64 29.32 -7.97
C HIS A 13 13.54 29.22 -6.93
N ASN A 14 12.33 28.89 -7.39
CA ASN A 14 11.15 28.77 -6.55
C ASN A 14 10.38 27.56 -7.03
N MET A 15 9.17 27.36 -6.49
CA MET A 15 8.51 26.12 -6.84
C MET A 15 8.20 26.13 -8.34
N LYS A 16 7.80 27.30 -8.87
CA LYS A 16 7.43 27.36 -10.27
C LYS A 16 8.60 26.94 -11.17
N ALA A 17 9.83 27.35 -10.84
CA ALA A 17 10.99 26.90 -11.62
C ALA A 17 11.12 25.37 -11.56
N PHE A 18 10.96 24.81 -10.35
CA PHE A 18 10.98 23.35 -10.21
C PHE A 18 9.93 22.67 -11.10
N LEU A 19 8.66 23.10 -10.98
CA LEU A 19 7.56 22.49 -11.68
C LEU A 19 7.74 22.59 -13.20
N ASP A 20 8.31 23.71 -13.67
CA ASP A 20 8.29 23.99 -15.12
C ASP A 20 9.36 23.17 -15.82
N GLU A 21 10.38 22.73 -15.06
CA GLU A 21 11.46 21.91 -15.59
C GLU A 21 10.98 20.48 -15.88
N LEU A 22 9.94 20.03 -15.17
CA LEU A 22 9.37 18.70 -15.39
C LEU A 22 8.77 18.60 -16.81
N LYS A 23 9.08 17.51 -17.53
N LYS A 23 9.10 17.53 -17.54
CA LYS A 23 8.60 17.34 -18.89
CA LYS A 23 8.63 17.33 -18.91
C LYS A 23 7.93 15.98 -19.06
C LYS A 23 7.94 15.99 -19.07
N ALA A 24 6.74 15.99 -19.65
CA ALA A 24 6.02 14.77 -20.00
C ALA A 24 6.90 13.86 -20.85
N GLU A 25 7.66 14.46 -21.78
CA GLU A 25 8.42 13.68 -22.75
C GLU A 25 9.57 12.93 -22.07
N ASN A 26 10.13 13.51 -21.00
CA ASN A 26 11.16 12.83 -20.22
C ASN A 26 10.57 11.63 -19.49
N ILE A 27 9.39 11.81 -18.87
CA ILE A 27 8.76 10.72 -18.15
C ILE A 27 8.49 9.56 -19.11
N LYS A 28 8.03 9.87 -20.33
CA LYS A 28 7.76 8.84 -21.33
C LYS A 28 9.03 8.07 -21.67
N LYS A 29 10.11 8.79 -21.98
CA LYS A 29 11.40 8.16 -22.27
C LYS A 29 11.89 7.26 -21.12
N PHE A 30 11.75 7.73 -19.86
CA PHE A 30 12.18 6.91 -18.73
C PHE A 30 11.29 5.69 -18.61
N LEU A 31 9.98 5.86 -18.83
CA LEU A 31 9.13 4.70 -18.67
C LEU A 31 9.50 3.66 -19.71
N TYR A 32 9.69 4.09 -20.97
CA TYR A 32 10.11 3.14 -21.99
C TYR A 32 11.39 2.42 -21.54
N ASN A 33 12.35 3.18 -21.03
CA ASN A 33 13.65 2.66 -20.65
C ASN A 33 13.59 1.61 -19.53
N PHE A 34 12.61 1.78 -18.62
CA PHE A 34 12.49 0.95 -17.43
C PHE A 34 11.63 -0.28 -17.64
N THR A 35 11.04 -0.50 -18.85
CA THR A 35 10.04 -1.53 -18.98
C THR A 35 10.29 -2.47 -20.17
N GLN A 36 11.53 -2.53 -20.66
CA GLN A 36 11.83 -3.35 -21.84
C GLN A 36 12.09 -4.80 -21.43
N ILE A 37 12.60 -5.01 -20.21
CA ILE A 37 12.84 -6.36 -19.73
C ILE A 37 12.29 -6.44 -18.31
N PRO A 38 12.05 -7.66 -17.77
CA PRO A 38 11.54 -7.76 -16.40
C PRO A 38 12.61 -7.32 -15.40
N HIS A 39 12.13 -6.80 -14.25
CA HIS A 39 13.06 -6.43 -13.16
C HIS A 39 12.60 -7.04 -11.84
N LEU A 40 12.49 -8.36 -11.81
CA LEU A 40 12.08 -9.11 -10.62
C LEU A 40 13.10 -8.92 -9.50
N ALA A 41 12.60 -8.61 -8.28
CA ALA A 41 13.53 -8.51 -7.16
C ALA A 41 14.46 -9.72 -7.06
N GLY A 42 15.72 -9.41 -6.75
CA GLY A 42 16.72 -10.43 -6.50
C GLY A 42 17.35 -10.95 -7.78
N THR A 43 16.90 -10.47 -8.95
CA THR A 43 17.52 -10.92 -10.20
C THR A 43 18.59 -9.96 -10.69
N GLU A 44 19.44 -10.45 -11.60
CA GLU A 44 20.56 -9.65 -12.07
C GLU A 44 20.07 -8.41 -12.80
N GLN A 45 18.95 -8.57 -13.53
N GLN A 45 18.98 -8.53 -13.58
CA GLN A 45 18.36 -7.51 -14.33
CA GLN A 45 18.55 -7.35 -14.33
C GLN A 45 17.92 -6.34 -13.45
C GLN A 45 18.10 -6.25 -13.37
N ASN A 46 17.53 -6.63 -12.23
CA ASN A 46 17.09 -5.57 -11.31
C ASN A 46 18.28 -4.91 -10.60
N PHE A 47 19.36 -5.66 -10.39
CA PHE A 47 20.60 -5.10 -9.88
C PHE A 47 21.20 -4.19 -10.95
N GLN A 48 21.14 -4.64 -12.22
CA GLN A 48 21.61 -3.76 -13.30
C GLN A 48 20.83 -2.45 -13.33
N LEU A 49 19.49 -2.51 -13.26
CA LEU A 49 18.74 -1.26 -13.27
C LEU A 49 19.11 -0.39 -12.06
N ALA A 50 19.21 -1.00 -10.85
CA ALA A 50 19.69 -0.25 -9.68
C ALA A 50 20.95 0.55 -10.00
N LYS A 51 21.95 -0.12 -10.60
CA LYS A 51 23.20 0.57 -10.90
C LYS A 51 23.01 1.70 -11.91
N GLN A 52 22.08 1.49 -12.87
CA GLN A 52 21.79 2.54 -13.85
C GLN A 52 21.19 3.77 -13.15
N ILE A 53 20.20 3.54 -12.29
N ILE A 53 20.17 3.54 -12.31
CA ILE A 53 19.55 4.68 -11.64
CA ILE A 53 19.52 4.62 -11.57
C ILE A 53 20.53 5.36 -10.70
C ILE A 53 20.57 5.36 -10.74
N GLN A 54 21.42 4.60 -10.06
CA GLN A 54 22.44 5.23 -9.23
C GLN A 54 23.31 6.18 -10.09
N SER A 55 23.74 5.69 -11.25
N SER A 55 23.75 5.70 -11.25
CA SER A 55 24.61 6.48 -12.11
CA SER A 55 24.62 6.48 -12.12
C SER A 55 23.91 7.76 -12.56
C SER A 55 23.92 7.76 -12.58
N GLN A 56 22.66 7.61 -13.00
CA GLN A 56 21.89 8.74 -13.52
C GLN A 56 21.58 9.77 -12.44
N TRP A 57 21.16 9.30 -11.25
CA TRP A 57 20.94 10.25 -10.16
C TRP A 57 22.19 11.04 -9.83
N LYS A 58 23.38 10.43 -9.95
CA LYS A 58 24.63 11.17 -9.72
C LYS A 58 24.81 12.20 -10.84
N GLU A 59 24.64 11.74 -12.10
N GLU A 59 24.63 11.79 -12.10
CA GLU A 59 24.69 12.56 -13.31
CA GLU A 59 24.80 12.72 -13.21
C GLU A 59 23.77 13.76 -13.16
C GLU A 59 23.76 13.85 -13.13
N PHE A 60 22.57 13.51 -12.64
CA PHE A 60 21.50 14.50 -12.47
C PHE A 60 21.91 15.56 -11.46
N GLY A 61 22.89 15.27 -10.58
CA GLY A 61 23.43 16.29 -9.68
C GLY A 61 23.26 16.03 -8.18
N LEU A 62 22.71 14.87 -7.75
CA LEU A 62 22.58 14.66 -6.30
C LEU A 62 23.97 14.63 -5.67
N ASP A 63 24.05 14.99 -4.38
CA ASP A 63 25.32 15.05 -3.67
C ASP A 63 25.91 13.67 -3.41
N SER A 64 25.08 12.68 -3.10
CA SER A 64 25.58 11.32 -2.98
C SER A 64 24.48 10.35 -3.38
N VAL A 65 24.87 9.24 -3.98
CA VAL A 65 23.91 8.23 -4.36
C VAL A 65 24.58 6.89 -4.07
N GLU A 66 23.99 6.13 -3.14
CA GLU A 66 24.56 4.86 -2.72
C GLU A 66 23.53 3.73 -2.88
N LEU A 67 24.06 2.50 -3.02
CA LEU A 67 23.19 1.34 -2.90
C LEU A 67 23.19 0.87 -1.44
N ALA A 68 22.01 0.52 -0.91
CA ALA A 68 21.91 -0.10 0.41
C ALA A 68 21.36 -1.49 0.15
N HIS A 69 22.16 -2.51 0.43
CA HIS A 69 21.74 -3.86 0.09
C HIS A 69 21.47 -4.63 1.39
N TYR A 70 20.62 -5.66 1.29
CA TYR A 70 20.13 -6.50 2.39
C TYR A 70 19.99 -7.89 1.79
N ASP A 71 20.04 -8.90 2.68
CA ASP A 71 19.82 -10.28 2.24
C ASP A 71 18.56 -10.79 2.90
N VAL A 72 17.49 -10.94 2.09
CA VAL A 72 16.13 -11.11 2.59
C VAL A 72 15.54 -12.38 2.01
N LEU A 73 14.51 -12.90 2.69
CA LEU A 73 13.82 -14.07 2.16
C LEU A 73 12.94 -13.69 0.96
N LEU A 74 13.21 -14.28 -0.22
CA LEU A 74 12.33 -14.11 -1.39
C LEU A 74 11.79 -15.48 -1.76
N SER A 75 11.04 -15.58 -2.86
CA SER A 75 10.39 -16.84 -3.22
C SER A 75 10.32 -16.87 -4.75
N TYR A 76 10.61 -18.03 -5.34
CA TYR A 76 10.57 -18.15 -6.78
C TYR A 76 10.07 -19.53 -7.16
N PRO A 77 9.37 -19.65 -8.28
CA PRO A 77 9.03 -20.98 -8.79
C PRO A 77 10.29 -21.73 -9.17
N ASN A 78 10.17 -23.06 -9.23
CA ASN A 78 11.23 -23.94 -9.71
C ASN A 78 11.11 -24.05 -11.23
N LYS A 79 12.09 -23.47 -11.94
CA LYS A 79 12.17 -23.45 -13.40
C LYS A 79 12.01 -24.84 -14.03
N THR A 80 12.48 -25.89 -13.35
CA THR A 80 12.40 -27.20 -14.00
C THR A 80 11.30 -28.07 -13.39
N HIS A 81 10.48 -27.50 -12.50
CA HIS A 81 9.41 -28.27 -11.91
C HIS A 81 8.21 -27.33 -11.75
N PRO A 82 7.45 -27.09 -12.83
CA PRO A 82 6.40 -26.05 -12.88
C PRO A 82 5.24 -26.24 -11.91
N ASN A 83 4.71 -25.10 -11.42
CA ASN A 83 3.51 -25.07 -10.60
C ASN A 83 2.29 -25.22 -11.52
N TYR A 84 1.32 -26.05 -11.11
CA TYR A 84 0.06 -26.11 -11.85
C TYR A 84 -0.99 -26.82 -11.01
N ILE A 85 -2.26 -26.74 -11.43
CA ILE A 85 -3.37 -27.36 -10.72
C ILE A 85 -4.03 -28.34 -11.72
N SER A 86 -4.57 -29.44 -11.22
CA SER A 86 -5.26 -30.42 -12.06
C SER A 86 -6.65 -30.71 -11.53
N ILE A 87 -7.54 -31.17 -12.44
CA ILE A 87 -8.63 -32.05 -12.03
C ILE A 87 -8.16 -33.47 -12.32
N ILE A 88 -8.22 -34.34 -11.31
CA ILE A 88 -7.80 -35.74 -11.44
C ILE A 88 -9.04 -36.61 -11.29
N ASN A 89 -9.13 -37.69 -12.10
CA ASN A 89 -10.24 -38.63 -11.94
C ASN A 89 -9.87 -39.67 -10.89
N GLU A 90 -10.81 -40.60 -10.60
CA GLU A 90 -10.66 -41.57 -9.52
C GLU A 90 -9.46 -42.49 -9.75
N ASP A 91 -9.01 -42.60 -11.00
CA ASP A 91 -7.82 -43.38 -11.35
C ASP A 91 -6.56 -42.60 -11.01
N GLY A 92 -6.66 -41.27 -11.02
CA GLY A 92 -5.49 -40.43 -10.79
C GLY A 92 -4.87 -39.93 -12.09
N ASN A 93 -5.66 -39.97 -13.17
CA ASN A 93 -5.27 -39.34 -14.42
C ASN A 93 -5.63 -37.86 -14.31
N GLU A 94 -4.67 -36.99 -14.67
CA GLU A 94 -4.92 -35.56 -14.69
C GLU A 94 -5.61 -35.19 -16.00
N ILE A 95 -6.92 -34.94 -15.92
CA ILE A 95 -7.72 -34.76 -17.13
C ILE A 95 -7.81 -33.30 -17.54
N PHE A 96 -7.35 -32.41 -16.66
CA PHE A 96 -7.34 -30.99 -16.98
C PHE A 96 -6.19 -30.36 -16.18
N ASN A 97 -5.38 -29.54 -16.84
CA ASN A 97 -4.24 -28.89 -16.20
C ASN A 97 -4.33 -27.40 -16.49
N THR A 98 -4.11 -26.58 -15.45
CA THR A 98 -4.05 -25.13 -15.66
C THR A 98 -2.77 -24.76 -16.43
N SER A 99 -2.70 -23.52 -16.95
CA SER A 99 -1.60 -23.12 -17.81
C SER A 99 -0.29 -23.02 -17.04
N LEU A 100 0.82 -23.18 -17.78
CA LEU A 100 2.14 -23.03 -17.18
C LEU A 100 2.67 -21.60 -17.33
N PHE A 101 2.01 -20.75 -18.12
CA PHE A 101 2.53 -19.40 -18.34
C PHE A 101 1.41 -18.61 -18.99
N GLU A 102 1.47 -17.27 -18.91
CA GLU A 102 0.51 -16.42 -19.63
C GLU A 102 0.98 -16.30 -21.07
N PRO A 103 0.09 -16.36 -22.10
CA PRO A 103 0.56 -16.17 -23.47
C PRO A 103 1.24 -14.80 -23.57
N PRO A 104 2.54 -14.70 -23.93
CA PRO A 104 3.21 -13.41 -23.90
C PRO A 104 2.58 -12.45 -24.90
N PRO A 105 2.60 -11.12 -24.62
CA PRO A 105 1.99 -10.17 -25.53
C PRO A 105 2.81 -9.98 -26.81
N PRO A 106 2.21 -9.34 -27.84
CA PRO A 106 2.87 -9.18 -29.15
C PRO A 106 4.26 -8.58 -29.10
N GLY A 107 5.23 -9.27 -29.69
CA GLY A 107 6.53 -8.64 -29.74
C GLY A 107 7.41 -8.99 -28.53
N TYR A 108 6.85 -9.69 -27.53
CA TYR A 108 7.60 -10.08 -26.32
C TYR A 108 7.60 -11.59 -26.18
N GLU A 109 7.17 -12.30 -27.23
CA GLU A 109 7.01 -13.74 -27.16
C GLU A 109 8.39 -14.41 -27.07
N ASN A 110 9.48 -13.63 -27.21
CA ASN A 110 10.85 -14.14 -27.10
C ASN A 110 11.59 -13.53 -25.90
N VAL A 111 10.89 -12.75 -25.08
CA VAL A 111 11.58 -12.20 -23.93
C VAL A 111 11.86 -13.33 -22.94
N SER A 112 13.07 -13.38 -22.38
N SER A 112 13.12 -13.41 -22.51
CA SER A 112 13.41 -14.41 -21.42
CA SER A 112 13.56 -14.34 -21.49
C SER A 112 13.13 -13.97 -19.97
C SER A 112 13.06 -13.90 -20.12
N ASP A 113 13.00 -14.98 -19.10
N ASP A 113 13.04 -14.86 -19.19
CA ASP A 113 13.01 -14.78 -17.67
CA ASP A 113 13.07 -14.53 -17.79
C ASP A 113 11.72 -14.14 -17.20
C ASP A 113 11.77 -13.81 -17.42
N ILE A 114 10.64 -14.26 -17.99
CA ILE A 114 9.33 -13.85 -17.48
C ILE A 114 8.94 -14.85 -16.41
N VAL A 115 8.82 -14.41 -15.14
CA VAL A 115 8.46 -15.38 -14.10
C VAL A 115 7.03 -15.84 -14.37
N PRO A 116 6.73 -17.16 -14.37
CA PRO A 116 5.35 -17.61 -14.58
C PRO A 116 4.50 -17.16 -13.40
N PRO A 117 3.17 -17.12 -13.53
CA PRO A 117 2.31 -16.76 -12.41
C PRO A 117 2.56 -17.74 -11.24
N PHE A 118 2.66 -17.19 -10.04
CA PHE A 118 2.79 -17.96 -8.82
C PHE A 118 2.41 -17.06 -7.65
N SER A 119 2.09 -17.68 -6.51
CA SER A 119 1.86 -16.91 -5.29
C SER A 119 3.14 -16.92 -4.46
N ALA A 120 3.84 -15.76 -4.32
CA ALA A 120 5.12 -15.77 -3.63
C ALA A 120 4.94 -16.12 -2.16
N PHE A 121 5.83 -17.01 -1.70
CA PHE A 121 5.97 -17.55 -0.35
C PHE A 121 5.04 -18.72 -0.09
N SER A 122 4.28 -19.18 -1.08
CA SER A 122 3.57 -20.45 -0.91
C SER A 122 4.52 -21.55 -0.45
N PRO A 123 4.10 -22.41 0.51
CA PRO A 123 4.85 -23.63 0.75
C PRO A 123 4.64 -24.59 -0.41
N GLN A 124 5.47 -25.63 -0.44
CA GLN A 124 5.42 -26.69 -1.43
C GLN A 124 4.36 -27.67 -0.96
N GLY A 125 3.71 -28.34 -1.91
CA GLY A 125 2.85 -29.45 -1.54
C GLY A 125 2.07 -29.90 -2.77
N MET A 126 1.40 -31.06 -2.67
CA MET A 126 0.54 -31.50 -3.76
C MET A 126 -0.79 -31.96 -3.19
N PRO A 127 -1.51 -31.13 -2.41
CA PRO A 127 -2.77 -31.53 -1.80
C PRO A 127 -3.82 -31.79 -2.88
N GLU A 128 -4.68 -32.79 -2.63
N GLU A 128 -4.62 -32.86 -2.64
CA GLU A 128 -5.77 -33.12 -3.53
CA GLU A 128 -5.76 -33.27 -3.46
C GLU A 128 -7.02 -33.26 -2.69
C GLU A 128 -6.99 -33.15 -2.58
N GLY A 129 -8.12 -32.66 -3.13
CA GLY A 129 -9.34 -32.63 -2.35
C GLY A 129 -10.51 -32.10 -3.15
N ASP A 130 -11.62 -31.85 -2.42
CA ASP A 130 -12.82 -31.26 -3.00
C ASP A 130 -12.77 -29.74 -2.85
N LEU A 131 -13.34 -29.05 -3.84
N LEU A 131 -13.24 -29.04 -3.88
CA LEU A 131 -13.31 -27.60 -3.95
CA LEU A 131 -13.24 -27.58 -3.85
C LEU A 131 -14.45 -26.99 -3.15
C LEU A 131 -14.39 -27.08 -3.00
N VAL A 132 -14.15 -25.93 -2.37
CA VAL A 132 -15.22 -25.07 -1.88
C VAL A 132 -14.97 -23.68 -2.48
N TYR A 133 -16.02 -23.03 -2.98
CA TYR A 133 -15.92 -21.68 -3.52
C TYR A 133 -16.29 -20.70 -2.40
N VAL A 134 -15.41 -19.71 -2.11
CA VAL A 134 -15.56 -18.91 -0.90
C VAL A 134 -15.69 -17.43 -1.26
N ASN A 135 -16.19 -17.12 -2.47
CA ASN A 135 -16.38 -15.75 -2.94
C ASN A 135 -15.01 -15.04 -2.89
N TYR A 136 -14.94 -13.89 -2.19
CA TYR A 136 -13.68 -13.15 -2.17
C TYR A 136 -12.80 -13.57 -0.99
N ALA A 137 -13.24 -14.60 -0.26
CA ALA A 137 -12.50 -15.09 0.91
C ALA A 137 -12.31 -13.98 1.96
N ARG A 138 -13.24 -13.03 2.02
CA ARG A 138 -13.23 -12.05 3.11
C ARG A 138 -13.72 -12.65 4.44
N THR A 139 -13.44 -11.94 5.53
CA THR A 139 -13.92 -12.35 6.84
C THR A 139 -15.43 -12.63 6.77
N GLU A 140 -16.20 -11.73 6.15
CA GLU A 140 -17.65 -11.93 6.14
C GLU A 140 -18.05 -13.09 5.23
N ASP A 141 -17.19 -13.43 4.25
CA ASP A 141 -17.53 -14.54 3.37
C ASP A 141 -17.40 -15.84 4.16
N PHE A 142 -16.33 -15.95 4.97
CA PHE A 142 -16.19 -17.13 5.82
C PHE A 142 -17.26 -17.18 6.90
N PHE A 143 -17.64 -16.02 7.46
CA PHE A 143 -18.73 -15.99 8.42
C PHE A 143 -19.98 -16.61 7.77
N LYS A 144 -20.28 -16.19 6.53
CA LYS A 144 -21.50 -16.62 5.87
C LYS A 144 -21.48 -18.13 5.62
N LEU A 145 -20.34 -18.65 5.16
CA LEU A 145 -20.14 -20.07 4.95
C LEU A 145 -20.34 -20.88 6.23
N GLU A 146 -19.55 -20.58 7.28
N GLU A 146 -19.64 -20.49 7.30
CA GLU A 146 -19.61 -21.37 8.50
CA GLU A 146 -19.52 -21.31 8.50
C GLU A 146 -20.94 -21.15 9.21
C GLU A 146 -20.70 -21.13 9.46
N ARG A 147 -21.20 -19.89 9.57
CA ARG A 147 -22.27 -19.57 10.52
C ARG A 147 -23.65 -19.75 9.86
N ASP A 148 -23.82 -19.22 8.64
CA ASP A 148 -25.14 -19.22 8.03
C ASP A 148 -25.37 -20.47 7.17
N MET A 149 -24.38 -20.89 6.39
CA MET A 149 -24.65 -21.99 5.46
C MET A 149 -24.20 -23.33 6.02
N LYS A 150 -23.46 -23.32 7.14
CA LYS A 150 -22.95 -24.49 7.81
C LYS A 150 -22.05 -25.30 6.88
N ILE A 151 -21.20 -24.61 6.10
CA ILE A 151 -20.30 -25.35 5.24
C ILE A 151 -18.92 -25.38 5.89
N ASN A 152 -18.31 -26.56 5.95
CA ASN A 152 -17.05 -26.75 6.64
C ASN A 152 -15.91 -26.79 5.63
N CYS A 153 -14.93 -25.87 5.74
CA CYS A 153 -13.82 -25.83 4.81
C CYS A 153 -12.65 -26.69 5.26
N SER A 154 -12.77 -27.27 6.44
CA SER A 154 -11.67 -28.06 6.98
C SER A 154 -11.27 -29.16 5.99
N GLY A 155 -9.99 -29.19 5.60
CA GLY A 155 -9.50 -30.22 4.69
C GLY A 155 -9.99 -30.07 3.25
N LYS A 156 -10.61 -28.94 2.88
CA LYS A 156 -11.04 -28.69 1.50
C LYS A 156 -9.99 -27.79 0.82
N ILE A 157 -9.97 -27.81 -0.52
CA ILE A 157 -9.22 -26.80 -1.27
C ILE A 157 -10.22 -25.68 -1.56
N VAL A 158 -9.87 -24.45 -1.17
N VAL A 158 -9.87 -24.45 -1.17
N VAL A 158 -9.80 -24.44 -1.24
CA VAL A 158 -10.80 -23.36 -1.41
CA VAL A 158 -10.80 -23.36 -1.41
CA VAL A 158 -10.63 -23.26 -1.36
C VAL A 158 -10.37 -22.62 -2.68
C VAL A 158 -10.37 -22.62 -2.68
C VAL A 158 -10.34 -22.57 -2.68
N ILE A 159 -11.39 -22.18 -3.43
CA ILE A 159 -11.18 -21.35 -4.60
C ILE A 159 -11.84 -20.00 -4.37
N ALA A 160 -11.02 -18.93 -4.47
CA ALA A 160 -11.53 -17.61 -4.16
C ALA A 160 -11.23 -16.70 -5.35
N ARG A 161 -12.15 -15.76 -5.61
CA ARG A 161 -11.87 -14.69 -6.55
C ARG A 161 -11.04 -13.57 -5.89
N TYR A 162 -10.08 -13.06 -6.67
CA TYR A 162 -9.31 -11.88 -6.33
C TYR A 162 -10.27 -10.70 -6.24
N GLY A 163 -9.90 -9.67 -5.46
CA GLY A 163 -10.71 -8.45 -5.41
C GLY A 163 -11.09 -8.13 -3.97
N LYS A 164 -11.45 -6.86 -3.72
CA LYS A 164 -12.02 -6.35 -2.46
C LYS A 164 -10.98 -6.24 -1.35
N VAL A 165 -10.12 -7.26 -1.19
CA VAL A 165 -9.17 -7.21 -0.07
C VAL A 165 -7.83 -7.79 -0.52
N PHE A 166 -6.77 -7.45 0.25
CA PHE A 166 -5.43 -7.95 -0.03
C PHE A 166 -5.41 -9.48 0.01
N ARG A 167 -4.67 -10.11 -0.93
CA ARG A 167 -4.79 -11.56 -1.09
C ARG A 167 -4.19 -12.29 0.12
N GLY A 168 -3.23 -11.65 0.81
CA GLY A 168 -2.69 -12.23 2.04
C GLY A 168 -3.78 -12.49 3.11
N ASN A 169 -4.72 -11.54 3.23
CA ASN A 169 -5.81 -11.70 4.18
C ASN A 169 -6.71 -12.87 3.78
N LYS A 170 -6.94 -13.03 2.47
CA LYS A 170 -7.71 -14.17 1.97
C LYS A 170 -7.08 -15.49 2.42
N VAL A 171 -5.75 -15.60 2.25
CA VAL A 171 -5.05 -16.84 2.52
C VAL A 171 -5.08 -17.07 4.04
N LYS A 172 -4.91 -15.98 4.81
CA LYS A 172 -4.95 -16.13 6.26
C LYS A 172 -6.33 -16.65 6.66
N ASN A 173 -7.36 -16.06 6.05
CA ASN A 173 -8.73 -16.41 6.41
C ASN A 173 -9.01 -17.86 6.00
N ALA A 174 -8.51 -18.29 4.82
CA ALA A 174 -8.73 -19.68 4.38
C ALA A 174 -8.05 -20.67 5.33
N GLN A 175 -6.81 -20.34 5.72
N GLN A 175 -6.84 -20.29 5.78
CA GLN A 175 -6.08 -21.18 6.65
CA GLN A 175 -6.00 -21.12 6.64
C GLN A 175 -6.89 -21.37 7.94
C GLN A 175 -6.61 -21.28 8.03
N LEU A 176 -7.33 -20.26 8.53
CA LEU A 176 -8.03 -20.37 9.81
C LEU A 176 -9.35 -21.13 9.67
N ALA A 177 -9.95 -21.16 8.46
CA ALA A 177 -11.11 -21.98 8.18
C ALA A 177 -10.73 -23.47 8.02
N GLY A 178 -9.44 -23.81 8.00
CA GLY A 178 -8.97 -25.19 7.91
C GLY A 178 -8.74 -25.71 6.48
N ALA A 179 -8.74 -24.81 5.48
CA ALA A 179 -8.45 -25.18 4.11
C ALA A 179 -7.07 -25.84 4.03
N LYS A 180 -6.90 -26.73 3.04
CA LYS A 180 -5.59 -27.33 2.85
C LYS A 180 -4.91 -26.79 1.60
N GLY A 181 -5.56 -25.82 0.93
CA GLY A 181 -4.92 -25.15 -0.19
C GLY A 181 -5.85 -24.06 -0.70
N VAL A 182 -5.29 -23.10 -1.43
CA VAL A 182 -6.10 -21.98 -1.90
C VAL A 182 -5.80 -21.78 -3.39
N ILE A 183 -6.86 -21.60 -4.16
CA ILE A 183 -6.71 -21.21 -5.54
C ILE A 183 -7.31 -19.83 -5.70
N LEU A 184 -6.50 -18.88 -6.21
CA LEU A 184 -6.97 -17.53 -6.46
C LEU A 184 -7.18 -17.37 -7.97
N TYR A 185 -8.27 -16.68 -8.34
CA TYR A 185 -8.45 -16.47 -9.77
C TYR A 185 -9.02 -15.08 -9.99
N SER A 186 -8.86 -14.58 -11.22
CA SER A 186 -9.42 -13.29 -11.57
C SER A 186 -10.75 -13.47 -12.29
N ASP A 187 -11.83 -13.03 -11.67
CA ASP A 187 -13.15 -13.17 -12.30
C ASP A 187 -13.36 -11.97 -13.22
N PRO A 188 -13.93 -12.14 -14.46
CA PRO A 188 -14.23 -11.00 -15.32
C PRO A 188 -15.14 -9.96 -14.65
N ALA A 189 -15.97 -10.40 -13.69
CA ALA A 189 -16.79 -9.42 -12.98
C ALA A 189 -15.92 -8.33 -12.32
N ASP A 190 -14.71 -8.72 -11.91
CA ASP A 190 -13.84 -7.81 -11.17
C ASP A 190 -12.69 -7.31 -12.04
N TYR A 191 -12.38 -7.99 -13.15
CA TYR A 191 -11.21 -7.56 -13.92
C TYR A 191 -11.52 -7.45 -15.42
N PHE A 192 -12.81 -7.31 -15.79
CA PHE A 192 -13.11 -7.08 -17.21
C PHE A 192 -14.19 -6.01 -17.30
N ALA A 193 -13.79 -4.80 -17.68
CA ALA A 193 -14.70 -3.67 -17.73
C ALA A 193 -15.58 -3.87 -18.96
N PRO A 194 -16.93 -3.79 -18.81
CA PRO A 194 -17.83 -3.95 -19.96
C PRO A 194 -17.48 -2.97 -21.08
N GLY A 195 -17.51 -3.48 -22.33
CA GLY A 195 -17.35 -2.66 -23.53
C GLY A 195 -15.90 -2.27 -23.86
N VAL A 196 -14.91 -2.86 -23.16
CA VAL A 196 -13.49 -2.60 -23.42
C VAL A 196 -12.89 -3.91 -23.89
N LYS A 197 -11.92 -3.87 -24.81
CA LYS A 197 -11.32 -5.10 -25.33
C LYS A 197 -10.16 -5.57 -24.43
N SER A 198 -9.89 -6.88 -24.43
CA SER A 198 -8.72 -7.54 -23.88
C SER A 198 -7.44 -7.01 -24.50
N TYR A 199 -6.37 -6.94 -23.69
CA TYR A 199 -5.03 -6.67 -24.20
C TYR A 199 -4.71 -7.69 -25.30
N PRO A 200 -4.05 -7.33 -26.43
CA PRO A 200 -3.49 -6.00 -26.71
C PRO A 200 -4.42 -4.97 -27.37
N ASP A 201 -5.71 -5.27 -27.47
CA ASP A 201 -6.56 -4.37 -28.22
C ASP A 201 -7.28 -3.39 -27.30
N GLY A 202 -7.16 -3.61 -25.98
CA GLY A 202 -7.75 -2.74 -24.98
C GLY A 202 -7.03 -2.97 -23.65
N TRP A 203 -7.61 -2.47 -22.56
CA TRP A 203 -6.90 -2.53 -21.28
C TRP A 203 -7.48 -3.59 -20.34
N ASN A 204 -8.33 -4.49 -20.90
CA ASN A 204 -8.93 -5.56 -20.11
C ASN A 204 -8.01 -6.76 -19.99
N LEU A 205 -8.32 -7.61 -18.99
CA LEU A 205 -7.57 -8.85 -18.73
C LEU A 205 -8.13 -9.94 -19.63
N PRO A 206 -7.28 -10.63 -20.42
CA PRO A 206 -7.72 -11.78 -21.21
C PRO A 206 -7.85 -13.00 -20.32
N GLY A 207 -8.50 -14.03 -20.86
CA GLY A 207 -8.83 -15.22 -20.08
C GLY A 207 -7.58 -15.97 -19.63
N GLY A 208 -6.45 -15.72 -20.32
CA GLY A 208 -5.19 -16.37 -20.02
C GLY A 208 -4.31 -15.51 -19.09
N GLY A 209 -4.72 -14.28 -18.79
CA GLY A 209 -3.99 -13.37 -17.89
C GLY A 209 -4.10 -13.84 -16.43
N VAL A 210 -3.05 -13.61 -15.63
CA VAL A 210 -3.04 -14.05 -14.24
C VAL A 210 -2.32 -12.95 -13.43
N GLN A 211 -2.85 -12.68 -12.23
CA GLN A 211 -2.29 -11.71 -11.29
C GLN A 211 -1.30 -12.43 -10.36
N ARG A 212 -0.02 -12.09 -10.47
CA ARG A 212 0.99 -12.49 -9.48
C ARG A 212 0.81 -11.75 -8.15
N GLY A 213 1.54 -12.22 -7.11
CA GLY A 213 1.58 -11.38 -5.91
C GLY A 213 1.82 -12.21 -4.65
N ASN A 214 2.49 -11.57 -3.67
CA ASN A 214 2.81 -12.33 -2.46
C ASN A 214 1.56 -12.52 -1.61
N ILE A 215 1.58 -13.55 -0.74
CA ILE A 215 0.47 -13.94 0.13
C ILE A 215 0.94 -13.96 1.60
N LEU A 216 1.86 -13.06 1.96
CA LEU A 216 2.36 -13.00 3.35
C LEU A 216 1.36 -12.26 4.21
N ASN A 217 1.49 -12.48 5.54
CA ASN A 217 0.82 -11.63 6.54
C ASN A 217 1.91 -11.08 7.47
N LEU A 218 2.63 -10.05 7.00
CA LEU A 218 3.79 -9.61 7.76
C LEU A 218 3.41 -8.65 8.89
N ASN A 219 2.28 -7.92 8.76
CA ASN A 219 1.90 -6.93 9.76
C ASN A 219 3.00 -5.88 10.02
N GLY A 220 3.75 -5.58 8.97
CA GLY A 220 4.71 -4.50 9.06
C GLY A 220 6.13 -5.02 9.35
N ALA A 221 6.34 -6.33 9.43
CA ALA A 221 7.62 -6.84 9.96
C ALA A 221 8.80 -6.65 9.01
N GLY A 222 8.56 -6.57 7.70
CA GLY A 222 9.65 -6.59 6.73
C GLY A 222 10.13 -8.00 6.38
N ASP A 223 11.46 -8.18 6.22
CA ASP A 223 11.97 -9.50 5.92
C ASP A 223 11.49 -10.50 6.96
N PRO A 224 10.85 -11.61 6.52
CA PRO A 224 10.32 -12.60 7.45
C PRO A 224 11.33 -13.11 8.48
N LEU A 225 12.62 -13.15 8.10
CA LEU A 225 13.60 -13.74 9.01
C LEU A 225 14.18 -12.78 10.02
N THR A 226 14.01 -11.44 9.84
CA THR A 226 14.78 -10.53 10.69
C THR A 226 13.89 -9.44 11.30
N PRO A 227 12.74 -9.74 11.90
CA PRO A 227 11.86 -8.65 12.34
C PRO A 227 12.50 -7.78 13.43
N GLY A 228 12.48 -6.46 13.20
CA GLY A 228 13.09 -5.55 14.17
C GLY A 228 14.42 -4.95 13.74
N TYR A 229 15.16 -5.66 12.85
CA TYR A 229 16.57 -5.33 12.67
C TYR A 229 16.90 -5.49 11.19
N PRO A 230 17.81 -4.68 10.61
CA PRO A 230 18.11 -4.85 9.18
C PRO A 230 18.79 -6.19 8.87
N ALA A 231 18.43 -6.73 7.69
CA ALA A 231 18.98 -7.99 7.21
C ALA A 231 20.36 -7.75 6.59
N ASN A 232 21.29 -7.33 7.44
CA ASN A 232 22.63 -6.98 7.04
C ASN A 232 23.51 -8.23 7.01
N GLU A 233 24.82 -7.96 6.88
N GLU A 233 24.84 -8.05 6.90
CA GLU A 233 25.82 -8.98 6.65
CA GLU A 233 25.69 -9.20 6.61
C GLU A 233 25.76 -9.99 7.80
C GLU A 233 26.02 -10.02 7.85
N TYR A 234 25.72 -9.50 9.05
CA TYR A 234 25.92 -10.36 10.22
C TYR A 234 24.62 -10.70 10.92
N ALA A 235 23.46 -10.49 10.26
CA ALA A 235 22.19 -10.58 10.95
C ALA A 235 21.98 -12.02 11.39
N TYR A 236 21.29 -12.24 12.51
N TYR A 236 21.35 -12.14 12.57
CA TYR A 236 21.04 -13.62 12.93
CA TYR A 236 20.69 -13.33 13.07
C TYR A 236 19.59 -13.93 12.57
C TYR A 236 19.37 -13.44 12.31
N ARG A 237 19.38 -14.88 11.66
N ARG A 237 19.12 -14.67 11.88
CA ARG A 237 18.07 -15.14 11.10
CA ARG A 237 17.96 -14.92 11.06
C ARG A 237 17.30 -16.12 11.97
C ARG A 237 17.25 -16.14 11.62
N ARG A 238 15.99 -15.92 12.01
CA ARG A 238 15.08 -16.96 12.44
C ARG A 238 15.15 -18.13 11.46
N GLY A 239 14.87 -19.34 11.98
CA GLY A 239 14.64 -20.46 11.09
C GLY A 239 13.26 -20.29 10.46
N ILE A 240 13.04 -20.99 9.34
CA ILE A 240 11.80 -20.86 8.57
C ILE A 240 10.60 -21.07 9.45
N ALA A 241 10.69 -22.00 10.41
CA ALA A 241 9.50 -22.35 11.18
C ALA A 241 9.09 -21.20 12.09
N GLU A 242 10.02 -20.27 12.35
CA GLU A 242 9.68 -19.12 13.21
C GLU A 242 9.62 -17.81 12.40
N ALA A 243 9.75 -17.89 11.07
CA ALA A 243 9.66 -16.70 10.21
C ALA A 243 8.32 -15.98 10.43
N VAL A 244 8.26 -14.68 10.10
CA VAL A 244 7.02 -13.95 10.24
C VAL A 244 6.22 -14.10 8.96
N GLY A 245 4.95 -14.48 9.10
CA GLY A 245 3.96 -14.16 8.07
C GLY A 245 3.80 -15.18 6.94
N LEU A 246 4.51 -16.31 7.02
N LEU A 246 4.52 -16.30 6.99
CA LEU A 246 4.47 -17.29 5.93
CA LEU A 246 4.47 -17.26 5.89
C LEU A 246 3.17 -18.08 5.99
C LEU A 246 3.20 -18.09 5.98
N PRO A 247 2.57 -18.40 4.82
CA PRO A 247 1.33 -19.20 4.80
C PRO A 247 1.65 -20.67 5.05
N SER A 248 0.68 -21.42 5.59
N SER A 248 0.66 -21.42 5.56
CA SER A 248 0.93 -22.81 5.92
CA SER A 248 0.90 -22.80 5.93
C SER A 248 0.38 -23.76 4.85
C SER A 248 0.29 -23.78 4.91
N ILE A 249 -0.41 -23.24 3.92
CA ILE A 249 -1.05 -24.07 2.90
C ILE A 249 -0.63 -23.58 1.53
N PRO A 250 -0.50 -24.50 0.54
CA PRO A 250 -0.14 -24.09 -0.82
C PRO A 250 -1.21 -23.20 -1.47
N VAL A 251 -0.72 -22.29 -2.33
CA VAL A 251 -1.58 -21.28 -2.95
C VAL A 251 -1.10 -21.06 -4.37
N HIS A 252 -2.05 -20.83 -5.29
CA HIS A 252 -1.61 -20.56 -6.66
C HIS A 252 -2.69 -19.77 -7.39
N PRO A 253 -2.32 -18.78 -8.25
CA PRO A 253 -3.31 -17.94 -8.92
C PRO A 253 -3.44 -18.44 -10.36
N ILE A 254 -4.64 -18.29 -10.91
CA ILE A 254 -5.00 -18.71 -12.26
C ILE A 254 -5.88 -17.63 -12.91
N GLY A 255 -6.00 -17.74 -14.24
CA GLY A 255 -6.87 -16.87 -15.03
C GLY A 255 -8.27 -17.46 -15.17
N TYR A 256 -9.16 -16.69 -15.80
CA TYR A 256 -10.57 -17.07 -15.81
C TYR A 256 -10.91 -18.13 -16.87
N TYR A 257 -10.05 -18.32 -17.89
CA TYR A 257 -10.27 -19.54 -18.69
C TYR A 257 -10.09 -20.79 -17.85
N ASP A 258 -9.02 -20.84 -17.05
CA ASP A 258 -8.76 -22.00 -16.20
C ASP A 258 -9.75 -22.07 -15.05
N ALA A 259 -10.10 -20.90 -14.45
CA ALA A 259 -11.09 -20.91 -13.37
C ALA A 259 -12.40 -21.52 -13.84
N GLN A 260 -12.83 -21.15 -15.05
CA GLN A 260 -14.07 -21.69 -15.59
C GLN A 260 -14.08 -23.23 -15.58
N LYS A 261 -12.94 -23.86 -15.95
N LYS A 261 -12.97 -23.85 -16.00
CA LYS A 261 -12.80 -25.30 -16.01
CA LYS A 261 -12.90 -25.30 -15.98
C LYS A 261 -12.77 -25.95 -14.62
C LYS A 261 -13.09 -25.82 -14.55
N LEU A 262 -12.46 -25.16 -13.58
CA LEU A 262 -12.51 -25.65 -12.19
C LEU A 262 -13.88 -25.45 -11.57
N LEU A 263 -14.59 -24.39 -11.99
CA LEU A 263 -15.82 -24.05 -11.28
C LEU A 263 -17.01 -24.74 -11.95
N GLU A 264 -16.90 -25.05 -13.24
CA GLU A 264 -18.12 -25.40 -14.01
C GLU A 264 -18.78 -26.67 -13.47
N LYS A 265 -17.97 -27.54 -12.86
CA LYS A 265 -18.47 -28.80 -12.34
C LYS A 265 -18.98 -28.70 -10.89
N MET A 266 -18.87 -27.52 -10.25
CA MET A 266 -19.15 -27.47 -8.82
C MET A 266 -20.60 -27.79 -8.46
N GLY A 267 -20.75 -28.57 -7.38
CA GLY A 267 -22.07 -28.96 -6.87
C GLY A 267 -22.29 -28.44 -5.45
N GLY A 268 -22.95 -29.25 -4.61
CA GLY A 268 -23.33 -28.78 -3.28
C GLY A 268 -24.32 -27.63 -3.35
N SER A 269 -24.22 -26.69 -2.39
CA SER A 269 -25.17 -25.60 -2.21
C SER A 269 -25.08 -24.57 -3.32
N ALA A 270 -26.21 -23.94 -3.62
CA ALA A 270 -26.25 -22.77 -4.49
C ALA A 270 -25.46 -21.63 -3.83
N PRO A 271 -24.99 -20.61 -4.60
CA PRO A 271 -24.44 -19.37 -4.01
C PRO A 271 -25.57 -18.79 -3.15
N PRO A 272 -25.30 -18.21 -1.96
CA PRO A 272 -26.39 -17.75 -1.09
C PRO A 272 -27.15 -16.53 -1.63
N ASP A 273 -26.53 -15.79 -2.55
CA ASP A 273 -27.14 -14.59 -3.13
C ASP A 273 -26.27 -14.14 -4.30
N SER A 274 -26.73 -13.09 -5.01
CA SER A 274 -26.06 -12.65 -6.23
C SER A 274 -24.69 -12.00 -5.97
N SER A 275 -24.39 -11.58 -4.73
CA SER A 275 -23.11 -10.92 -4.44
C SER A 275 -21.99 -11.96 -4.47
N TRP A 276 -22.37 -13.24 -4.55
CA TRP A 276 -21.47 -14.37 -4.64
C TRP A 276 -21.22 -14.80 -6.09
N ARG A 277 -21.99 -14.25 -7.06
CA ARG A 277 -21.85 -14.68 -8.45
C ARG A 277 -21.01 -13.66 -9.24
N GLY A 278 -19.96 -14.16 -9.91
CA GLY A 278 -19.22 -13.39 -10.88
C GLY A 278 -19.88 -13.47 -12.26
N SER A 279 -19.09 -13.33 -13.32
CA SER A 279 -19.59 -13.12 -14.69
C SER A 279 -19.41 -14.37 -15.56
N LEU A 280 -18.74 -15.41 -15.06
CA LEU A 280 -18.53 -16.58 -15.90
C LEU A 280 -19.85 -17.35 -16.05
N LYS A 281 -19.89 -18.20 -17.08
CA LYS A 281 -21.09 -18.98 -17.34
C LYS A 281 -21.05 -20.25 -16.50
N VAL A 282 -21.16 -20.06 -15.17
CA VAL A 282 -21.12 -21.15 -14.22
C VAL A 282 -22.12 -20.79 -13.13
N PRO A 283 -22.63 -21.76 -12.34
CA PRO A 283 -23.63 -21.43 -11.32
C PRO A 283 -23.03 -20.78 -10.07
N TYR A 284 -21.72 -20.94 -9.84
CA TYR A 284 -21.07 -20.40 -8.65
C TYR A 284 -21.55 -21.14 -7.41
N ASN A 285 -21.80 -22.45 -7.54
CA ASN A 285 -22.16 -23.26 -6.38
C ASN A 285 -20.97 -23.22 -5.42
N VAL A 286 -21.27 -23.23 -4.13
CA VAL A 286 -20.26 -23.14 -3.09
C VAL A 286 -19.59 -24.50 -2.92
N GLY A 287 -20.25 -25.59 -3.36
CA GLY A 287 -19.66 -26.90 -3.09
C GLY A 287 -20.14 -27.45 -1.75
N PRO A 288 -19.36 -28.34 -1.08
CA PRO A 288 -18.06 -28.79 -1.58
C PRO A 288 -18.17 -29.82 -2.71
N GLY A 289 -17.08 -29.92 -3.48
CA GLY A 289 -16.98 -30.95 -4.51
C GLY A 289 -17.88 -30.67 -5.70
N PHE A 290 -17.91 -31.62 -6.64
CA PHE A 290 -18.51 -31.49 -7.97
C PHE A 290 -19.87 -32.19 -7.99
N THR A 291 -20.69 -31.89 -9.01
CA THR A 291 -22.03 -32.48 -9.15
C THR A 291 -21.93 -33.97 -9.49
N GLY A 292 -23.06 -34.66 -9.28
CA GLY A 292 -23.15 -36.12 -9.21
C GLY A 292 -22.21 -36.89 -10.14
N ASN A 293 -22.24 -36.59 -11.44
CA ASN A 293 -21.49 -37.38 -12.43
C ASN A 293 -19.98 -37.26 -12.22
N PHE A 294 -19.55 -36.16 -11.58
CA PHE A 294 -18.15 -35.84 -11.47
C PHE A 294 -17.68 -35.97 -10.03
N SER A 295 -18.58 -36.47 -9.17
CA SER A 295 -18.40 -36.40 -7.73
C SER A 295 -17.13 -37.13 -7.29
N THR A 296 -16.60 -38.02 -8.12
CA THR A 296 -15.42 -38.78 -7.74
C THR A 296 -14.13 -38.12 -8.23
N GLN A 297 -14.28 -37.06 -9.05
CA GLN A 297 -13.11 -36.31 -9.46
C GLN A 297 -12.70 -35.37 -8.32
N LYS A 298 -11.42 -34.97 -8.34
CA LYS A 298 -10.87 -34.11 -7.29
C LYS A 298 -9.96 -33.06 -7.92
N VAL A 299 -9.58 -32.05 -7.13
CA VAL A 299 -8.64 -31.04 -7.60
C VAL A 299 -7.29 -31.28 -6.91
N LYS A 300 -6.20 -31.19 -7.69
CA LYS A 300 -4.89 -31.41 -7.14
C LYS A 300 -3.99 -30.21 -7.49
N MET A 301 -3.34 -29.64 -6.48
CA MET A 301 -2.36 -28.59 -6.72
C MET A 301 -0.98 -29.22 -6.76
N HIS A 302 -0.03 -28.57 -7.45
CA HIS A 302 1.34 -29.03 -7.45
C HIS A 302 2.19 -27.77 -7.31
N ILE A 303 2.68 -27.53 -6.10
CA ILE A 303 3.45 -26.31 -5.89
C ILE A 303 4.84 -26.70 -5.42
N HIS A 304 5.86 -26.16 -6.09
CA HIS A 304 7.26 -26.53 -5.86
C HIS A 304 8.17 -25.30 -5.75
N SER A 305 7.56 -24.11 -5.51
CA SER A 305 8.33 -22.87 -5.35
C SER A 305 9.24 -23.02 -4.14
N THR A 306 10.35 -22.24 -4.10
CA THR A 306 11.25 -22.28 -2.96
C THR A 306 11.50 -20.88 -2.42
N ASN A 307 11.63 -20.80 -1.09
CA ASN A 307 11.97 -19.55 -0.43
C ASN A 307 13.50 -19.55 -0.36
N GLU A 308 14.14 -18.43 -0.68
N GLU A 308 14.10 -18.38 -0.61
CA GLU A 308 15.58 -18.41 -0.51
CA GLU A 308 15.54 -18.29 -0.72
C GLU A 308 16.04 -16.99 -0.25
C GLU A 308 15.98 -16.91 -0.21
N VAL A 309 17.03 -16.88 0.62
CA VAL A 309 17.56 -15.60 1.02
C VAL A 309 18.38 -15.09 -0.17
N THR A 310 18.10 -13.84 -0.55
CA THR A 310 18.57 -13.29 -1.80
C THR A 310 18.92 -11.82 -1.56
N ARG A 311 19.96 -11.33 -2.25
CA ARG A 311 20.39 -9.95 -2.02
C ARG A 311 19.45 -9.00 -2.80
N ILE A 312 19.13 -7.85 -2.17
CA ILE A 312 18.28 -6.85 -2.81
C ILE A 312 19.03 -5.52 -2.66
N TYR A 313 18.64 -4.54 -3.48
CA TYR A 313 19.39 -3.30 -3.52
C TYR A 313 18.48 -2.09 -3.57
N ASN A 314 18.57 -1.24 -2.54
CA ASN A 314 17.88 0.03 -2.63
C ASN A 314 18.86 1.07 -3.16
N VAL A 315 18.36 2.03 -3.96
CA VAL A 315 19.19 3.19 -4.31
C VAL A 315 18.77 4.36 -3.43
N ILE A 316 19.73 5.04 -2.80
CA ILE A 316 19.43 6.12 -1.84
C ILE A 316 20.19 7.36 -2.32
N GLY A 317 19.43 8.36 -2.78
CA GLY A 317 20.03 9.62 -3.23
C GLY A 317 19.85 10.72 -2.21
N THR A 318 20.85 11.62 -2.06
CA THR A 318 20.74 12.66 -1.05
C THR A 318 20.98 14.01 -1.72
N LEU A 319 20.10 14.98 -1.43
CA LEU A 319 20.35 16.37 -1.82
C LEU A 319 20.39 17.13 -0.51
N ARG A 320 21.60 17.48 -0.05
N ARG A 320 21.60 17.48 -0.05
CA ARG A 320 21.80 18.08 1.26
CA ARG A 320 21.78 18.10 1.25
C ARG A 320 21.12 19.45 1.38
C ARG A 320 21.04 19.43 1.34
N GLY A 321 20.37 19.65 2.48
CA GLY A 321 19.73 20.92 2.81
C GLY A 321 20.78 22.02 3.10
N ALA A 322 20.45 23.24 2.68
CA ALA A 322 21.31 24.42 2.91
C ALA A 322 21.23 24.90 4.35
N VAL A 323 20.04 24.80 4.97
CA VAL A 323 19.83 25.43 6.29
C VAL A 323 19.58 24.35 7.36
N GLU A 324 18.75 23.36 7.06
CA GLU A 324 18.44 22.29 8.03
C GLU A 324 18.78 20.95 7.41
N PRO A 325 20.08 20.64 7.22
CA PRO A 325 20.48 19.40 6.56
C PRO A 325 20.07 18.18 7.40
N ASP A 326 19.80 18.40 8.70
CA ASP A 326 19.45 17.31 9.60
C ASP A 326 17.92 17.17 9.68
N ARG A 327 17.20 17.61 8.64
CA ARG A 327 15.78 17.39 8.51
C ARG A 327 15.58 16.73 7.16
N TYR A 328 14.86 15.60 7.12
CA TYR A 328 14.81 14.80 5.91
C TYR A 328 13.38 14.77 5.39
N VAL A 329 13.28 15.09 4.11
CA VAL A 329 12.04 14.91 3.37
C VAL A 329 12.36 13.84 2.33
N ILE A 330 11.57 12.74 2.36
CA ILE A 330 11.87 11.55 1.61
C ILE A 330 10.85 11.35 0.49
N LEU A 331 11.35 11.17 -0.73
CA LEU A 331 10.47 10.74 -1.83
C LEU A 331 10.91 9.33 -2.19
N GLY A 332 10.00 8.34 -2.01
CA GLY A 332 10.45 6.98 -2.19
C GLY A 332 9.41 6.17 -2.96
N GLY A 333 9.89 5.24 -3.81
CA GLY A 333 8.96 4.31 -4.42
C GLY A 333 9.78 3.13 -4.93
N HIS A 334 9.14 2.00 -5.24
CA HIS A 334 9.90 0.81 -5.56
C HIS A 334 10.24 0.74 -7.06
N ARG A 335 11.19 -0.17 -7.35
CA ARG A 335 11.77 -0.34 -8.68
C ARG A 335 11.53 -1.78 -9.16
N ASP A 336 11.48 -2.75 -8.20
CA ASP A 336 11.25 -4.15 -8.60
C ASP A 336 9.83 -4.33 -9.14
N SER A 337 9.68 -5.22 -10.12
CA SER A 337 8.37 -5.45 -10.71
C SER A 337 8.14 -6.95 -10.79
N TRP A 338 6.87 -7.38 -10.98
CA TRP A 338 6.61 -8.80 -11.21
C TRP A 338 7.09 -9.22 -12.60
N VAL A 339 6.70 -8.45 -13.64
CA VAL A 339 7.28 -8.68 -14.98
C VAL A 339 7.82 -7.34 -15.50
N PHE A 340 7.14 -6.71 -16.47
CA PHE A 340 7.69 -5.50 -17.09
C PHE A 340 7.37 -4.27 -16.27
N GLY A 341 6.32 -4.34 -15.44
CA GLY A 341 6.07 -3.22 -14.52
C GLY A 341 5.66 -1.92 -15.22
N GLY A 342 4.98 -2.06 -16.37
CA GLY A 342 4.56 -0.89 -17.14
C GLY A 342 3.79 0.14 -16.34
N ILE A 343 2.83 -0.29 -15.51
CA ILE A 343 2.22 0.64 -14.58
C ILE A 343 2.93 0.50 -13.23
N ASP A 344 2.99 -0.73 -12.72
CA ASP A 344 3.40 -0.95 -11.34
C ASP A 344 4.80 -1.57 -11.34
N PRO A 345 5.91 -0.89 -10.95
CA PRO A 345 5.95 0.49 -10.43
C PRO A 345 6.52 1.52 -11.39
N GLN A 346 6.84 1.14 -12.66
CA GLN A 346 7.73 2.03 -13.40
C GLN A 346 7.02 3.33 -13.83
N SER A 347 5.68 3.35 -13.90
CA SER A 347 5.04 4.64 -14.13
C SER A 347 5.29 5.61 -12.98
N GLY A 348 5.50 5.06 -11.77
CA GLY A 348 5.87 5.93 -10.65
C GLY A 348 7.37 6.18 -10.62
N ALA A 349 8.16 5.13 -10.88
CA ALA A 349 9.62 5.31 -10.84
C ALA A 349 10.10 6.30 -11.91
N ALA A 350 9.40 6.36 -13.07
CA ALA A 350 9.80 7.27 -14.14
C ALA A 350 9.52 8.70 -13.72
N VAL A 351 8.43 8.87 -12.95
CA VAL A 351 8.11 10.17 -12.37
C VAL A 351 9.17 10.58 -11.32
N VAL A 352 9.56 9.64 -10.45
CA VAL A 352 10.60 9.98 -9.49
C VAL A 352 11.85 10.45 -10.24
N HIS A 353 12.23 9.71 -11.30
CA HIS A 353 13.46 9.96 -12.03
C HIS A 353 13.48 11.40 -12.57
N GLU A 354 12.34 11.83 -13.12
CA GLU A 354 12.21 13.18 -13.67
C GLU A 354 12.20 14.22 -12.56
N ILE A 355 11.62 13.89 -11.40
CA ILE A 355 11.69 14.78 -10.23
C ILE A 355 13.14 14.97 -9.81
N VAL A 356 13.91 13.89 -9.73
CA VAL A 356 15.32 14.02 -9.37
C VAL A 356 16.02 14.93 -10.40
N ARG A 357 15.76 14.65 -11.69
CA ARG A 357 16.36 15.43 -12.77
C ARG A 357 16.07 16.91 -12.56
N SER A 358 14.80 17.26 -12.29
CA SER A 358 14.43 18.66 -12.13
C SER A 358 15.12 19.28 -10.92
N PHE A 359 15.11 18.58 -9.77
CA PHE A 359 15.75 19.16 -8.61
C PHE A 359 17.24 19.35 -8.88
N GLY A 360 17.83 18.37 -9.57
CA GLY A 360 19.24 18.43 -9.91
C GLY A 360 19.59 19.61 -10.83
N THR A 361 18.68 19.97 -11.74
CA THR A 361 18.88 21.13 -12.62
C THR A 361 19.02 22.40 -11.76
N LEU A 362 18.13 22.57 -10.78
CA LEU A 362 18.18 23.75 -9.92
C LEU A 362 19.48 23.73 -9.13
N LYS A 363 19.86 22.54 -8.61
CA LYS A 363 21.07 22.41 -7.81
C LYS A 363 22.28 22.86 -8.63
N LYS A 364 22.32 22.47 -9.91
CA LYS A 364 23.45 22.80 -10.79
C LYS A 364 23.56 24.32 -10.96
N GLU A 365 22.42 25.03 -10.84
CA GLU A 365 22.41 26.49 -10.93
C GLU A 365 22.63 27.15 -9.56
N GLY A 366 22.98 26.36 -8.54
CA GLY A 366 23.46 26.89 -7.27
C GLY A 366 22.40 26.87 -6.17
N TRP A 367 21.20 26.35 -6.47
CA TRP A 367 20.16 26.31 -5.45
C TRP A 367 20.33 25.05 -4.63
N ARG A 368 19.87 25.11 -3.38
CA ARG A 368 19.69 23.91 -2.57
C ARG A 368 18.40 24.09 -1.80
N PRO A 369 17.68 22.99 -1.47
CA PRO A 369 16.49 23.11 -0.65
C PRO A 369 16.93 23.52 0.74
N ARG A 370 15.99 24.04 1.52
CA ARG A 370 16.28 24.40 2.91
C ARG A 370 16.63 23.12 3.71
N ARG A 371 15.78 22.10 3.60
CA ARG A 371 16.00 20.79 4.28
C ARG A 371 16.53 19.75 3.28
N THR A 372 17.15 18.69 3.81
CA THR A 372 17.67 17.60 2.99
C THR A 372 16.51 16.83 2.36
N ILE A 373 16.65 16.49 1.07
CA ILE A 373 15.74 15.59 0.39
C ILE A 373 16.48 14.29 0.14
N LEU A 374 15.83 13.18 0.53
CA LEU A 374 16.27 11.83 0.25
C LEU A 374 15.36 11.25 -0.83
N PHE A 375 15.99 10.62 -1.83
CA PHE A 375 15.25 9.95 -2.90
C PHE A 375 15.56 8.46 -2.80
N ALA A 376 14.52 7.61 -2.93
CA ALA A 376 14.72 6.17 -2.76
C ALA A 376 14.07 5.42 -3.91
N SER A 377 14.85 4.46 -4.42
CA SER A 377 14.44 3.42 -5.35
C SER A 377 14.45 2.09 -4.59
N TRP A 378 13.28 1.68 -4.08
CA TRP A 378 13.20 0.52 -3.19
C TRP A 378 13.20 -0.76 -3.99
N ASP A 379 13.77 -1.82 -3.35
CA ASP A 379 13.78 -3.13 -3.96
C ASP A 379 12.84 -4.02 -3.13
N ALA A 380 12.48 -5.15 -3.74
CA ALA A 380 11.72 -6.26 -3.14
C ALA A 380 10.41 -5.77 -2.49
N MET A 381 9.82 -4.72 -3.05
CA MET A 381 8.54 -4.26 -2.51
C MET A 381 7.51 -5.35 -2.76
N GLU A 382 7.57 -5.97 -3.95
CA GLU A 382 6.54 -6.91 -4.34
C GLU A 382 6.53 -8.14 -3.42
N PHE A 383 7.61 -8.35 -2.67
CA PHE A 383 7.69 -9.53 -1.82
C PHE A 383 7.45 -9.15 -0.36
N GLY A 384 6.92 -7.92 -0.14
CA GLY A 384 6.43 -7.58 1.19
C GLY A 384 6.99 -6.26 1.75
N LEU A 385 7.24 -5.29 0.86
CA LEU A 385 7.73 -3.98 1.28
C LEU A 385 9.10 -4.19 1.95
N LEU A 386 9.89 -5.13 1.42
CA LEU A 386 11.08 -5.56 2.18
C LEU A 386 12.18 -4.52 2.16
N GLY A 387 12.44 -3.98 0.97
CA GLY A 387 13.52 -3.01 0.82
C GLY A 387 13.32 -1.72 1.64
N SER A 388 12.13 -1.12 1.58
CA SER A 388 11.94 0.11 2.36
C SER A 388 11.97 -0.25 3.86
N THR A 389 11.37 -1.40 4.24
CA THR A 389 11.30 -1.71 5.66
C THR A 389 12.70 -2.01 6.23
N GLU A 390 13.54 -2.79 5.52
CA GLU A 390 14.88 -3.08 6.05
C GLU A 390 15.67 -1.80 6.18
N TRP A 391 15.61 -0.93 5.16
CA TRP A 391 16.32 0.34 5.25
C TRP A 391 15.83 1.19 6.42
N ALA A 392 14.51 1.26 6.61
CA ALA A 392 14.04 2.03 7.76
C ALA A 392 14.45 1.37 9.09
N GLU A 393 14.50 0.02 9.15
CA GLU A 393 14.98 -0.62 10.37
C GLU A 393 16.44 -0.25 10.67
N GLU A 394 17.26 -0.23 9.61
N GLU A 394 17.25 -0.21 9.61
CA GLU A 394 18.67 0.14 9.73
CA GLU A 394 18.65 0.13 9.76
C GLU A 394 18.78 1.57 10.26
C GLU A 394 18.78 1.56 10.25
N ASN A 395 17.95 2.46 9.71
CA ASN A 395 18.11 3.90 9.90
C ASN A 395 17.08 4.50 10.85
N SER A 396 16.44 3.66 11.67
CA SER A 396 15.27 4.08 12.44
C SER A 396 15.57 5.25 13.39
N ARG A 397 16.77 5.29 14.01
CA ARG A 397 17.02 6.40 14.91
C ARG A 397 17.21 7.74 14.16
N LEU A 398 17.85 7.71 12.98
CA LEU A 398 17.93 8.95 12.20
C LEU A 398 16.51 9.36 11.75
N LEU A 399 15.70 8.37 11.33
CA LEU A 399 14.40 8.73 10.75
C LEU A 399 13.48 9.24 11.85
N GLN A 400 13.55 8.64 13.03
CA GLN A 400 12.58 9.13 13.98
C GLN A 400 12.93 10.50 14.57
N GLU A 401 14.21 10.86 14.62
CA GLU A 401 14.55 12.16 15.16
C GLU A 401 14.66 13.22 14.06
N ARG A 402 14.75 12.83 12.78
CA ARG A 402 14.99 13.85 11.77
C ARG A 402 13.95 13.80 10.63
N GLY A 403 13.04 12.82 10.65
CA GLY A 403 12.19 12.58 9.48
C GLY A 403 11.00 13.54 9.46
N VAL A 404 11.00 14.47 8.49
CA VAL A 404 9.90 15.40 8.37
C VAL A 404 8.68 14.74 7.72
N ALA A 405 8.89 14.09 6.56
CA ALA A 405 7.76 13.58 5.80
C ALA A 405 8.24 12.53 4.85
N TYR A 406 7.31 11.65 4.45
CA TYR A 406 7.58 10.64 3.43
C TYR A 406 6.48 10.75 2.39
N ILE A 407 6.90 10.93 1.12
CA ILE A 407 6.00 10.94 -0.03
C ILE A 407 6.28 9.68 -0.84
N ASN A 408 5.24 8.84 -1.01
CA ASN A 408 5.46 7.60 -1.75
C ASN A 408 5.35 7.87 -3.26
N ALA A 409 5.80 6.89 -4.06
CA ALA A 409 5.77 7.09 -5.51
C ALA A 409 5.78 5.75 -6.24
N ASP A 410 4.76 4.95 -5.95
CA ASP A 410 4.42 3.80 -6.78
C ASP A 410 3.63 4.33 -7.99
N SER A 411 2.94 3.43 -8.66
CA SER A 411 2.23 3.67 -9.94
C SER A 411 1.66 5.10 -9.99
N SER A 412 2.00 5.87 -11.05
CA SER A 412 1.47 7.23 -11.20
C SER A 412 0.01 7.22 -11.69
N ILE A 413 -0.42 6.16 -12.37
CA ILE A 413 -1.73 6.13 -12.98
C ILE A 413 -2.34 4.76 -12.68
N GLU A 414 -3.66 4.71 -12.48
CA GLU A 414 -4.39 3.44 -12.48
C GLU A 414 -5.72 3.68 -13.21
N GLY A 415 -5.79 4.82 -13.90
CA GLY A 415 -6.97 5.30 -14.60
C GLY A 415 -6.66 6.69 -15.15
N ASN A 416 -7.64 7.32 -15.77
CA ASN A 416 -7.36 8.59 -16.42
C ASN A 416 -8.49 9.57 -16.11
N TYR A 417 -9.15 9.38 -14.95
CA TYR A 417 -10.34 10.15 -14.63
C TYR A 417 -10.03 11.32 -13.71
N THR A 418 -9.38 11.08 -12.55
CA THR A 418 -9.14 12.20 -11.68
C THR A 418 -8.00 11.86 -10.69
N LEU A 419 -7.62 12.86 -9.90
CA LEU A 419 -6.60 12.64 -8.88
C LEU A 419 -7.09 11.80 -7.70
N ARG A 420 -6.18 11.07 -7.05
CA ARG A 420 -6.52 10.39 -5.82
C ARG A 420 -5.39 10.67 -4.83
N VAL A 421 -5.71 11.15 -3.63
CA VAL A 421 -4.64 11.42 -2.65
C VAL A 421 -5.03 10.69 -1.36
N ASP A 422 -4.07 9.96 -0.74
CA ASP A 422 -4.29 9.49 0.62
C ASP A 422 -3.13 10.07 1.43
N CYS A 423 -3.39 10.62 2.61
CA CYS A 423 -2.27 11.19 3.35
C CYS A 423 -2.72 11.43 4.78
N THR A 424 -1.74 11.70 5.66
CA THR A 424 -2.03 12.17 7.00
C THR A 424 -2.87 13.45 6.92
N PRO A 425 -3.79 13.71 7.89
CA PRO A 425 -4.44 15.02 7.91
C PRO A 425 -3.45 16.18 7.95
N LEU A 426 -2.22 15.98 8.51
CA LEU A 426 -1.30 17.11 8.57
C LEU A 426 -0.97 17.67 7.17
N MET A 427 -1.19 16.89 6.11
CA MET A 427 -0.87 17.37 4.78
C MET A 427 -2.12 17.85 4.02
N TYR A 428 -3.31 17.82 4.62
CA TYR A 428 -4.48 18.17 3.80
C TYR A 428 -4.39 19.59 3.22
N SER A 429 -4.02 20.57 4.06
CA SER A 429 -3.97 21.97 3.63
C SER A 429 -2.92 22.18 2.54
N LEU A 430 -1.73 21.59 2.74
CA LEU A 430 -0.69 21.59 1.73
C LEU A 430 -1.24 21.08 0.39
N VAL A 431 -1.95 19.94 0.39
CA VAL A 431 -2.43 19.37 -0.86
C VAL A 431 -3.47 20.29 -1.50
N HIS A 432 -4.38 20.81 -0.68
CA HIS A 432 -5.38 21.72 -1.21
C HIS A 432 -4.69 22.93 -1.86
N ASN A 433 -3.70 23.50 -1.17
CA ASN A 433 -3.09 24.75 -1.66
C ASN A 433 -2.28 24.45 -2.93
N LEU A 434 -1.59 23.31 -2.94
CA LEU A 434 -0.74 23.02 -4.10
C LEU A 434 -1.59 22.76 -5.33
N THR A 435 -2.67 21.95 -5.21
CA THR A 435 -3.50 21.60 -6.35
C THR A 435 -4.23 22.84 -6.91
N LYS A 436 -4.43 23.87 -6.10
CA LYS A 436 -5.06 25.11 -6.58
C LYS A 436 -4.13 25.86 -7.52
N GLU A 437 -2.82 25.59 -7.42
N GLU A 437 -2.83 25.53 -7.49
CA GLU A 437 -1.81 26.25 -8.21
CA GLU A 437 -1.82 26.26 -8.25
C GLU A 437 -1.60 25.53 -9.54
C GLU A 437 -1.27 25.39 -9.39
N LEU A 438 -1.86 24.21 -9.57
CA LEU A 438 -1.53 23.35 -10.71
C LEU A 438 -2.65 23.40 -11.75
N LYS A 439 -2.29 23.17 -13.02
CA LYS A 439 -3.27 23.15 -14.10
C LYS A 439 -3.93 21.77 -14.19
N SER A 440 -5.25 21.76 -14.40
CA SER A 440 -5.92 20.48 -14.61
C SER A 440 -5.54 19.91 -15.99
N PRO A 441 -5.20 18.61 -16.10
CA PRO A 441 -4.91 18.05 -17.42
C PRO A 441 -6.19 17.50 -18.03
N ASP A 442 -7.34 17.66 -17.35
CA ASP A 442 -8.52 16.88 -17.74
C ASP A 442 -9.22 17.60 -18.90
N GLU A 443 -9.81 16.81 -19.81
CA GLU A 443 -10.66 17.30 -20.88
C GLU A 443 -11.87 17.99 -20.27
N GLY A 444 -12.12 19.22 -20.73
CA GLY A 444 -13.25 20.01 -20.26
C GLY A 444 -12.86 20.93 -19.11
N PHE A 445 -11.59 20.89 -18.66
CA PHE A 445 -11.16 21.74 -17.57
C PHE A 445 -9.92 22.52 -18.02
N GLU A 446 -9.77 22.73 -19.32
CA GLU A 446 -8.64 23.48 -19.86
C GLU A 446 -8.65 24.86 -19.19
N GLY A 447 -7.49 25.32 -18.71
CA GLY A 447 -7.44 26.62 -18.03
C GLY A 447 -8.00 26.64 -16.60
N LYS A 448 -8.47 25.48 -16.09
CA LYS A 448 -8.90 25.38 -14.71
C LYS A 448 -7.82 24.70 -13.88
N SER A 449 -7.94 24.84 -12.56
CA SER A 449 -6.97 24.26 -11.63
C SER A 449 -7.26 22.78 -11.48
N LEU A 450 -6.22 22.03 -11.09
CA LEU A 450 -6.37 20.64 -10.70
C LEU A 450 -7.33 20.54 -9.50
N TYR A 451 -7.23 21.48 -8.55
CA TYR A 451 -8.15 21.48 -7.42
C TYR A 451 -9.60 21.47 -7.92
N GLU A 452 -9.90 22.31 -8.91
CA GLU A 452 -11.27 22.41 -9.39
C GLU A 452 -11.75 21.12 -10.05
N SER A 453 -10.93 20.49 -10.90
CA SER A 453 -11.37 19.30 -11.60
C SER A 453 -11.52 18.14 -10.63
N TRP A 454 -10.53 18.00 -9.75
CA TRP A 454 -10.49 16.98 -8.72
C TRP A 454 -11.69 17.09 -7.77
N THR A 455 -11.99 18.31 -7.32
CA THR A 455 -13.11 18.54 -6.41
C THR A 455 -14.44 18.21 -7.11
N LYS A 456 -14.56 18.61 -8.38
CA LYS A 456 -15.76 18.33 -9.16
C LYS A 456 -15.95 16.81 -9.34
N LYS A 457 -14.89 16.07 -9.71
CA LYS A 457 -15.03 14.66 -10.02
C LYS A 457 -15.01 13.76 -8.79
N SER A 458 -14.45 14.26 -7.68
CA SER A 458 -14.27 13.43 -6.50
C SER A 458 -14.59 14.24 -5.26
N PRO A 459 -15.87 14.64 -5.06
CA PRO A 459 -16.22 15.54 -3.95
C PRO A 459 -15.98 14.84 -2.63
N SER A 460 -15.55 15.62 -1.65
CA SER A 460 -15.45 15.10 -0.29
C SER A 460 -16.85 14.69 0.20
N PRO A 461 -17.02 13.53 0.87
CA PRO A 461 -18.32 13.20 1.46
C PRO A 461 -18.78 14.14 2.57
N GLU A 462 -17.84 14.83 3.24
CA GLU A 462 -18.20 15.71 4.35
C GLU A 462 -18.44 17.15 3.91
N PHE A 463 -17.60 17.71 3.01
CA PHE A 463 -17.54 19.14 2.86
C PHE A 463 -17.71 19.55 1.40
N SER A 464 -18.75 20.33 1.13
CA SER A 464 -18.97 20.82 -0.23
C SER A 464 -17.78 21.71 -0.60
N GLY A 465 -17.35 21.62 -1.86
CA GLY A 465 -16.39 22.57 -2.39
C GLY A 465 -14.96 22.14 -2.05
N MET A 466 -14.83 20.96 -1.44
CA MET A 466 -13.53 20.34 -1.19
C MET A 466 -13.46 18.94 -1.78
N PRO A 467 -12.26 18.43 -2.15
CA PRO A 467 -12.13 17.07 -2.67
C PRO A 467 -12.03 15.99 -1.59
N ARG A 468 -12.27 14.74 -2.00
CA ARG A 468 -12.01 13.58 -1.15
C ARG A 468 -10.50 13.37 -0.97
N ILE A 469 -10.05 13.24 0.29
CA ILE A 469 -8.72 12.76 0.59
C ILE A 469 -8.91 11.62 1.59
N SER A 470 -8.32 10.46 1.31
CA SER A 470 -8.57 9.29 2.11
C SER A 470 -7.45 9.10 3.14
N LYS A 471 -7.73 8.23 4.13
N LYS A 471 -7.72 8.27 4.14
CA LYS A 471 -6.78 7.75 5.11
CA LYS A 471 -6.66 7.94 5.08
C LYS A 471 -5.75 6.86 4.39
C LYS A 471 -5.70 7.02 4.32
N LEU A 472 -4.49 6.87 4.85
CA LEU A 472 -3.55 5.92 4.30
C LEU A 472 -3.96 4.53 4.78
N GLY A 473 -3.82 3.57 3.87
CA GLY A 473 -4.00 2.15 4.17
C GLY A 473 -2.62 1.53 4.27
N SER A 474 -2.40 0.41 3.54
CA SER A 474 -1.06 -0.17 3.45
C SER A 474 -0.97 -0.98 2.16
N GLY A 475 0.02 -1.89 2.10
CA GLY A 475 0.32 -2.58 0.84
C GLY A 475 1.20 -1.67 -0.04
N ASN A 476 1.80 -0.67 0.58
CA ASN A 476 2.74 0.16 -0.16
C ASN A 476 3.86 0.66 0.75
N ASP A 477 4.90 1.29 0.17
CA ASP A 477 6.20 1.42 0.86
C ASP A 477 6.19 2.51 1.94
N PHE A 478 5.08 3.23 2.09
CA PHE A 478 5.01 4.17 3.20
C PHE A 478 4.74 3.47 4.55
N GLU A 479 4.42 2.18 4.54
CA GLU A 479 3.92 1.52 5.75
C GLU A 479 4.92 1.64 6.92
N VAL A 480 6.19 1.39 6.66
CA VAL A 480 7.15 1.47 7.78
C VAL A 480 7.28 2.92 8.31
N PHE A 481 7.30 3.89 7.40
CA PHE A 481 7.54 5.27 7.80
C PHE A 481 6.34 5.80 8.57
N PHE A 482 5.10 5.46 8.13
CA PHE A 482 3.92 6.01 8.78
C PHE A 482 3.48 5.18 10.01
N GLN A 483 3.10 3.91 9.81
CA GLN A 483 2.48 3.17 10.89
C GLN A 483 3.52 2.61 11.88
N ARG A 484 4.77 2.40 11.42
CA ARG A 484 5.78 2.00 12.41
C ARG A 484 6.46 3.20 13.08
N LEU A 485 6.97 4.12 12.25
CA LEU A 485 7.82 5.20 12.79
C LEU A 485 7.07 6.51 13.04
N GLY A 486 5.85 6.71 12.53
CA GLY A 486 5.15 7.95 12.87
C GLY A 486 5.71 9.16 12.14
N ILE A 487 6.09 8.98 10.85
CA ILE A 487 6.54 10.14 10.06
C ILE A 487 5.37 10.50 9.13
N ALA A 488 4.96 11.77 9.09
CA ALA A 488 3.82 12.20 8.26
C ALA A 488 4.05 11.70 6.84
N SER A 489 3.02 11.08 6.21
CA SER A 489 3.26 10.44 4.93
C SER A 489 2.10 10.79 4.01
N GLY A 490 2.38 10.75 2.69
CA GLY A 490 1.29 11.00 1.74
C GLY A 490 1.56 10.29 0.41
N ARG A 491 0.53 10.19 -0.46
CA ARG A 491 0.74 9.60 -1.77
C ARG A 491 -0.34 10.19 -2.71
N ALA A 492 -0.10 10.13 -4.03
CA ALA A 492 -1.09 10.67 -4.96
C ALA A 492 -0.87 9.97 -6.29
N ARG A 493 -1.97 9.74 -7.03
CA ARG A 493 -1.85 9.18 -8.37
C ARG A 493 -3.14 9.51 -9.10
N TYR A 494 -3.13 9.30 -10.43
CA TYR A 494 -4.35 9.43 -11.20
C TYR A 494 -5.11 8.11 -11.14
N THR A 495 -6.45 8.19 -11.13
CA THR A 495 -7.24 6.99 -10.88
C THR A 495 -8.48 7.03 -11.77
N LYS A 496 -9.28 5.96 -11.72
CA LYS A 496 -10.48 5.81 -12.53
C LYS A 496 -11.66 6.40 -11.77
N ASN A 497 -12.81 6.45 -12.44
CA ASN A 497 -14.07 6.84 -11.81
C ASN A 497 -14.63 5.58 -11.15
N TRP A 498 -14.61 5.54 -9.81
CA TRP A 498 -14.98 4.34 -9.08
C TRP A 498 -16.50 4.09 -9.21
N GLU A 499 -17.25 5.09 -9.71
CA GLU A 499 -18.69 4.98 -9.94
C GLU A 499 -18.97 4.23 -11.24
N THR A 500 -17.96 4.11 -12.12
CA THR A 500 -18.11 3.51 -13.43
C THR A 500 -18.01 1.99 -13.36
N ASN A 501 -17.07 1.46 -12.56
CA ASN A 501 -16.92 0.02 -12.50
C ASN A 501 -16.83 -0.50 -11.06
N LYS A 502 -16.00 0.16 -10.23
CA LYS A 502 -15.86 -0.13 -8.80
C LYS A 502 -14.90 -1.30 -8.57
N PHE A 503 -13.93 -1.52 -9.47
CA PHE A 503 -12.99 -2.63 -9.27
C PHE A 503 -11.87 -2.21 -8.30
N SER A 504 -11.27 -3.20 -7.64
CA SER A 504 -10.28 -2.93 -6.61
C SER A 504 -9.01 -2.31 -7.20
N GLY A 505 -8.78 -2.52 -8.52
CA GLY A 505 -7.63 -1.90 -9.15
C GLY A 505 -7.82 -1.63 -10.64
N TYR A 506 -6.82 -2.02 -11.44
CA TYR A 506 -6.93 -2.00 -12.89
C TYR A 506 -6.82 -3.45 -13.37
N PRO A 507 -7.42 -3.79 -14.53
CA PRO A 507 -7.45 -5.20 -14.93
C PRO A 507 -6.12 -5.92 -15.08
N LEU A 508 -5.08 -5.23 -15.53
CA LEU A 508 -3.88 -5.98 -15.94
C LEU A 508 -2.82 -5.95 -14.83
N TYR A 509 -3.26 -5.53 -13.65
CA TYR A 509 -2.39 -5.51 -12.46
C TYR A 509 -1.61 -6.81 -12.29
N HIS A 510 -0.25 -6.71 -12.20
CA HIS A 510 0.65 -7.82 -11.89
C HIS A 510 0.61 -8.96 -12.92
N SER A 511 0.16 -8.66 -14.16
N SER A 511 0.18 -8.67 -14.16
CA SER A 511 0.15 -9.56 -15.29
CA SER A 511 0.19 -9.62 -15.25
C SER A 511 1.28 -9.20 -16.28
C SER A 511 1.27 -9.22 -16.26
N VAL A 512 1.68 -10.18 -17.10
CA VAL A 512 2.71 -9.97 -18.12
C VAL A 512 2.20 -8.87 -19.09
N TYR A 513 0.89 -8.58 -19.11
CA TYR A 513 0.36 -7.64 -20.08
C TYR A 513 0.54 -6.20 -19.63
N GLU A 514 1.08 -5.98 -18.41
CA GLU A 514 1.28 -4.61 -17.94
C GLU A 514 2.56 -4.08 -18.53
N THR A 515 2.46 -3.39 -19.69
CA THR A 515 3.62 -3.05 -20.50
C THR A 515 3.68 -1.54 -20.74
N TYR A 516 4.83 -1.08 -21.25
CA TYR A 516 4.92 0.26 -21.81
C TYR A 516 3.73 0.55 -22.76
N GLU A 517 3.40 -0.40 -23.65
CA GLU A 517 2.36 -0.11 -24.66
C GLU A 517 1.00 0.03 -24.01
N LEU A 518 0.74 -0.76 -22.95
CA LEU A 518 -0.50 -0.57 -22.22
C LEU A 518 -0.70 0.90 -21.87
N VAL A 519 0.37 1.52 -21.33
CA VAL A 519 0.28 2.89 -20.83
C VAL A 519 0.20 3.87 -22.00
N GLU A 520 1.15 3.76 -22.94
CA GLU A 520 1.28 4.68 -24.06
C GLU A 520 0.04 4.64 -24.98
N LYS A 521 -0.61 3.47 -25.10
N LYS A 521 -0.56 3.45 -25.14
CA LYS A 521 -1.73 3.36 -26.04
CA LYS A 521 -1.71 3.32 -26.03
C LYS A 521 -3.09 3.58 -25.37
C LYS A 521 -3.00 3.73 -25.30
N PHE A 522 -3.23 3.18 -24.10
CA PHE A 522 -4.56 3.16 -23.49
C PHE A 522 -4.71 4.10 -22.30
N TYR A 523 -3.66 4.32 -21.50
CA TYR A 523 -3.87 5.09 -20.27
C TYR A 523 -3.52 6.56 -20.46
N ASP A 524 -2.35 6.84 -21.06
CA ASP A 524 -1.84 8.21 -20.97
C ASP A 524 -0.96 8.54 -22.15
N PRO A 525 -1.53 8.56 -23.39
CA PRO A 525 -0.74 8.78 -24.58
C PRO A 525 0.16 9.99 -24.61
N MET A 526 -0.28 11.12 -24.03
N MET A 526 -0.29 11.10 -24.02
CA MET A 526 0.45 12.37 -24.03
CA MET A 526 0.41 12.38 -24.01
C MET A 526 1.23 12.55 -22.71
C MET A 526 1.35 12.47 -22.81
N PHE A 527 1.18 11.55 -21.84
CA PHE A 527 1.96 11.61 -20.61
C PHE A 527 1.59 12.81 -19.74
N LYS A 528 0.38 13.33 -19.96
CA LYS A 528 -0.06 14.50 -19.20
C LYS A 528 -0.53 14.12 -17.81
N TYR A 529 -1.12 12.93 -17.63
CA TYR A 529 -1.48 12.55 -16.27
C TYR A 529 -0.22 12.25 -15.46
N HIS A 530 0.76 11.57 -16.07
CA HIS A 530 2.07 11.39 -15.43
C HIS A 530 2.66 12.74 -15.03
N LEU A 531 2.63 13.70 -15.95
CA LEU A 531 3.19 15.00 -15.60
C LEU A 531 2.42 15.63 -14.42
N THR A 532 1.08 15.58 -14.40
CA THR A 532 0.30 16.13 -13.29
C THR A 532 0.71 15.45 -11.98
N VAL A 533 0.86 14.12 -12.03
CA VAL A 533 1.31 13.40 -10.83
C VAL A 533 2.72 13.80 -10.40
N ALA A 534 3.64 14.02 -11.36
CA ALA A 534 4.97 14.48 -10.99
C ALA A 534 4.90 15.84 -10.30
N GLN A 535 4.02 16.71 -10.80
CA GLN A 535 3.85 18.02 -10.20
C GLN A 535 3.29 17.93 -8.77
N VAL A 536 2.35 17.01 -8.53
CA VAL A 536 1.77 16.94 -7.20
C VAL A 536 2.84 16.34 -6.27
N ARG A 537 3.43 15.20 -6.67
CA ARG A 537 4.38 14.56 -5.76
C ARG A 537 5.58 15.47 -5.56
N GLY A 538 6.14 15.98 -6.68
CA GLY A 538 7.31 16.85 -6.60
C GLY A 538 7.05 18.17 -5.87
N GLY A 539 5.86 18.74 -6.13
CA GLY A 539 5.41 19.94 -5.44
C GLY A 539 5.30 19.75 -3.94
N MET A 540 4.76 18.59 -3.54
CA MET A 540 4.64 18.33 -2.11
C MET A 540 6.04 18.29 -1.50
N VAL A 541 6.97 17.60 -2.17
CA VAL A 541 8.31 17.43 -1.63
C VAL A 541 8.95 18.81 -1.55
N PHE A 542 8.75 19.61 -2.61
CA PHE A 542 9.35 20.93 -2.68
C PHE A 542 8.92 21.78 -1.47
N GLU A 543 7.61 21.91 -1.25
CA GLU A 543 7.10 22.69 -0.12
C GLU A 543 7.59 22.11 1.22
N LEU A 544 7.53 20.78 1.38
CA LEU A 544 7.93 20.18 2.64
C LEU A 544 9.40 20.50 2.91
N ALA A 545 10.22 20.46 1.83
CA ALA A 545 11.65 20.66 2.01
C ALA A 545 12.04 22.14 2.01
N ASN A 546 11.14 23.05 1.59
N ASN A 546 11.14 23.03 1.56
CA ASN A 546 11.60 24.42 1.38
CA ASN A 546 11.59 24.41 1.36
C ASN A 546 10.84 25.50 2.15
C ASN A 546 10.90 25.43 2.28
N SER A 547 9.62 25.16 2.60
CA SER A 547 8.84 26.11 3.38
C SER A 547 9.52 26.46 4.72
N ILE A 548 9.57 27.74 5.08
N ILE A 548 9.56 27.75 5.06
CA ILE A 548 10.27 28.07 6.33
CA ILE A 548 10.21 28.16 6.29
C ILE A 548 9.55 27.44 7.52
C ILE A 548 9.55 27.47 7.47
N VAL A 549 8.22 27.57 7.55
CA VAL A 549 7.42 26.85 8.54
C VAL A 549 6.95 25.57 7.86
N LEU A 550 7.11 24.41 8.51
CA LEU A 550 6.64 23.17 7.88
C LEU A 550 5.18 23.34 7.49
N PRO A 551 4.76 22.85 6.29
CA PRO A 551 3.38 23.02 5.83
C PRO A 551 2.40 21.94 6.32
N PHE A 552 2.28 21.85 7.66
CA PHE A 552 1.35 20.94 8.31
C PHE A 552 0.37 21.78 9.10
N ASP A 553 -0.92 21.42 9.05
CA ASP A 553 -1.91 22.15 9.83
C ASP A 553 -2.50 21.21 10.89
N CYS A 554 -2.05 21.37 12.15
CA CYS A 554 -2.47 20.47 13.21
C CYS A 554 -3.99 20.52 13.39
N ARG A 555 -4.65 21.64 13.06
CA ARG A 555 -6.10 21.71 13.23
C ARG A 555 -6.83 20.66 12.39
N ASP A 556 -6.25 20.29 11.24
CA ASP A 556 -6.93 19.30 10.41
C ASP A 556 -6.93 17.92 11.10
N TYR A 557 -5.91 17.63 11.91
CA TYR A 557 -5.95 16.39 12.68
C TYR A 557 -7.09 16.45 13.69
N ALA A 558 -7.31 17.63 14.31
CA ALA A 558 -8.36 17.72 15.33
C ALA A 558 -9.73 17.39 14.72
N VAL A 559 -10.00 17.91 13.54
CA VAL A 559 -11.28 17.67 12.87
C VAL A 559 -11.42 16.16 12.58
N VAL A 560 -10.36 15.49 12.06
CA VAL A 560 -10.63 14.08 11.76
C VAL A 560 -10.72 13.24 13.02
N LEU A 561 -9.99 13.62 14.07
CA LEU A 561 -10.01 12.82 15.30
C LEU A 561 -11.45 12.77 15.85
N ARG A 562 -12.17 13.88 15.67
CA ARG A 562 -13.55 13.93 16.14
C ARG A 562 -14.45 13.03 15.29
N LYS A 563 -14.23 13.06 13.96
CA LYS A 563 -14.94 12.17 13.06
C LYS A 563 -14.69 10.72 13.46
N TYR A 564 -13.40 10.36 13.71
CA TYR A 564 -13.14 8.95 14.02
C TYR A 564 -13.73 8.59 15.39
N ALA A 565 -13.69 9.51 16.37
CA ALA A 565 -14.24 9.20 17.69
C ALA A 565 -15.75 8.99 17.56
N ASP A 566 -16.43 9.87 16.81
CA ASP A 566 -17.85 9.62 16.52
C ASP A 566 -18.09 8.23 15.93
N LYS A 567 -17.22 7.83 15.01
N LYS A 567 -17.24 7.84 14.97
CA LYS A 567 -17.44 6.60 14.27
CA LYS A 567 -17.42 6.59 14.25
C LYS A 567 -17.29 5.38 15.17
C LYS A 567 -17.32 5.40 15.21
N ILE A 568 -16.24 5.38 15.99
CA ILE A 568 -16.00 4.23 16.86
C ILE A 568 -17.08 4.16 17.95
N TYR A 569 -17.44 5.34 18.50
CA TYR A 569 -18.55 5.41 19.43
C TYR A 569 -19.82 4.78 18.82
N SER A 570 -20.13 5.12 17.56
N SER A 570 -20.12 5.08 17.55
CA SER A 570 -21.36 4.62 16.94
CA SER A 570 -21.36 4.62 16.92
C SER A 570 -21.33 3.11 16.82
C SER A 570 -21.33 3.11 16.65
N ILE A 571 -20.13 2.54 16.55
CA ILE A 571 -19.96 1.09 16.47
C ILE A 571 -20.31 0.47 17.83
N SER A 572 -19.74 1.04 18.90
CA SER A 572 -19.94 0.49 20.23
C SER A 572 -21.41 0.57 20.62
N MET A 573 -22.05 1.67 20.18
CA MET A 573 -23.44 1.95 20.60
C MET A 573 -24.47 1.01 19.96
N LYS A 574 -24.04 0.11 19.08
CA LYS A 574 -24.87 -1.01 18.66
C LYS A 574 -25.08 -2.05 19.78
N HIS A 575 -24.33 -1.94 20.90
CA HIS A 575 -24.38 -2.88 22.02
C HIS A 575 -24.70 -2.14 23.34
N PRO A 576 -25.85 -1.42 23.40
CA PRO A 576 -26.17 -0.55 24.54
C PRO A 576 -26.23 -1.31 25.85
N GLN A 577 -26.77 -2.55 25.84
CA GLN A 577 -26.87 -3.28 27.10
C GLN A 577 -25.47 -3.57 27.66
N GLU A 578 -24.55 -4.01 26.79
CA GLU A 578 -23.22 -4.33 27.29
C GLU A 578 -22.49 -3.08 27.77
N MET A 579 -22.72 -1.96 27.07
CA MET A 579 -22.08 -0.72 27.52
C MET A 579 -22.59 -0.35 28.91
N LYS A 580 -23.89 -0.57 29.19
CA LYS A 580 -24.38 -0.34 30.55
C LYS A 580 -23.80 -1.34 31.55
N THR A 581 -23.83 -2.64 31.21
CA THR A 581 -23.37 -3.69 32.12
C THR A 581 -21.92 -3.49 32.49
N TYR A 582 -21.08 -3.20 31.48
CA TYR A 582 -19.65 -3.13 31.78
C TYR A 582 -19.14 -1.71 31.93
N SER A 583 -20.06 -0.74 31.98
N SER A 583 -20.05 -0.72 31.86
CA SER A 583 -19.72 0.67 32.22
CA SER A 583 -19.66 0.62 32.24
C SER A 583 -18.68 1.10 31.19
C SER A 583 -18.72 1.21 31.18
N VAL A 584 -19.01 0.93 29.90
CA VAL A 584 -18.08 1.31 28.83
C VAL A 584 -18.36 2.76 28.46
N SER A 585 -17.43 3.67 28.77
CA SER A 585 -17.65 5.08 28.41
C SER A 585 -16.59 5.57 27.42
N PHE A 586 -17.01 6.35 26.43
CA PHE A 586 -16.10 7.02 25.51
C PHE A 586 -15.76 8.43 26.00
N ASP A 587 -16.17 8.81 27.23
CA ASP A 587 -16.00 10.20 27.66
C ASP A 587 -14.55 10.66 27.61
N SER A 588 -13.64 9.78 28.01
CA SER A 588 -12.23 10.16 28.05
C SER A 588 -11.69 10.43 26.63
N LEU A 589 -12.15 9.66 25.65
CA LEU A 589 -11.68 9.85 24.27
C LEU A 589 -12.21 11.19 23.73
N PHE A 590 -13.51 11.45 23.93
CA PHE A 590 -14.04 12.73 23.47
C PHE A 590 -13.35 13.89 24.17
N SER A 591 -13.13 13.76 25.48
CA SER A 591 -12.40 14.76 26.24
C SER A 591 -11.02 15.05 25.63
N ALA A 592 -10.28 13.99 25.33
CA ALA A 592 -8.94 14.14 24.76
C ALA A 592 -9.02 14.86 23.40
N VAL A 593 -10.05 14.52 22.62
CA VAL A 593 -10.20 15.09 21.28
C VAL A 593 -10.53 16.59 21.40
N LYS A 594 -11.44 16.93 22.34
CA LYS A 594 -11.76 18.33 22.64
C LYS A 594 -10.50 19.10 23.03
N ASN A 595 -9.68 18.53 23.92
CA ASN A 595 -8.46 19.18 24.33
C ASN A 595 -7.47 19.36 23.16
N PHE A 596 -7.34 18.32 22.33
CA PHE A 596 -6.51 18.40 21.13
C PHE A 596 -6.97 19.57 20.26
N THR A 597 -8.30 19.67 20.08
CA THR A 597 -8.86 20.77 19.26
C THR A 597 -8.45 22.12 19.84
N GLU A 598 -8.64 22.31 21.15
CA GLU A 598 -8.34 23.58 21.80
C GLU A 598 -6.85 23.90 21.72
N ILE A 599 -5.98 22.92 22.05
CA ILE A 599 -4.55 23.16 22.09
C ILE A 599 -4.02 23.42 20.69
N ALA A 600 -4.54 22.68 19.70
CA ALA A 600 -4.10 22.86 18.32
C ALA A 600 -4.48 24.27 17.86
N SER A 601 -5.68 24.71 18.25
CA SER A 601 -6.12 26.06 17.86
C SER A 601 -5.17 27.12 18.41
N LYS A 602 -4.79 26.97 19.69
N LYS A 602 -4.79 26.99 19.68
CA LYS A 602 -3.88 27.90 20.34
CA LYS A 602 -3.86 27.92 20.31
C LYS A 602 -2.47 27.84 19.72
C LYS A 602 -2.47 27.84 19.67
N PHE A 603 -2.00 26.62 19.39
CA PHE A 603 -0.70 26.46 18.74
C PHE A 603 -0.66 27.18 17.38
N SER A 604 -1.77 27.08 16.64
N SER A 604 -1.76 27.07 16.62
CA SER A 604 -1.88 27.67 15.32
CA SER A 604 -1.86 27.68 15.31
C SER A 604 -1.78 29.20 15.39
C SER A 604 -1.74 29.21 15.41
N GLU A 605 -2.37 29.79 16.43
CA GLU A 605 -2.25 31.23 16.68
C GLU A 605 -0.79 31.61 16.96
N ARG A 606 -0.08 30.84 17.81
CA ARG A 606 1.32 31.16 18.08
C ARG A 606 2.14 31.03 16.81
N LEU A 607 1.82 30.03 15.99
CA LEU A 607 2.60 29.76 14.79
C LEU A 607 2.42 30.93 13.83
N GLN A 608 1.24 31.53 13.86
CA GLN A 608 1.00 32.64 12.95
C GLN A 608 1.68 33.92 13.44
N ASP A 609 1.74 34.04 14.78
N ASP A 609 2.00 34.04 14.74
CA ASP A 609 1.95 35.25 15.57
CA ASP A 609 2.50 35.29 15.30
C ASP A 609 3.38 35.30 16.12
C ASP A 609 3.91 35.17 15.89
N PHE A 610 4.07 34.15 16.15
N PHE A 610 4.94 34.84 15.07
CA PHE A 610 5.38 34.14 16.81
CA PHE A 610 6.32 34.88 15.54
C PHE A 610 6.26 35.16 16.11
C PHE A 610 7.27 35.25 14.39
N ASP A 611 7.34 35.50 16.79
N ASP A 611 8.42 35.88 14.70
CA ASP A 611 8.30 36.47 16.31
CA ASP A 611 9.40 36.18 13.68
C ASP A 611 9.06 35.83 15.15
C ASP A 611 9.46 35.02 12.69
N LYS A 612 8.85 36.35 13.94
N LYS A 612 10.63 34.79 12.11
CA LYS A 612 9.31 35.74 12.68
CA LYS A 612 11.01 33.50 11.55
C LYS A 612 10.82 35.87 12.48
C LYS A 612 12.51 33.59 11.47
N SER A 613 11.46 36.85 13.14
N SER A 613 12.97 34.83 11.63
CA SER A 613 12.90 36.92 13.29
CA SER A 613 14.38 35.18 11.51
C SER A 613 13.54 35.81 14.19
C SER A 613 15.11 34.88 12.81
N ASN A 614 12.79 34.94 14.91
N ASN A 614 14.41 34.31 13.79
CA ASN A 614 13.48 34.12 15.90
CA ASN A 614 15.04 33.81 15.01
C ASN A 614 13.58 32.67 15.42
C ASN A 614 15.27 32.31 14.82
N PRO A 615 14.78 32.18 15.05
N PRO A 615 16.48 31.86 14.41
CA PRO A 615 14.91 30.86 14.42
CA PRO A 615 16.69 30.45 14.06
C PRO A 615 14.72 29.72 15.43
C PRO A 615 16.22 29.47 15.13
N ILE A 616 14.99 29.99 16.72
N ILE A 616 16.48 29.74 16.43
CA ILE A 616 14.84 28.97 17.74
CA ILE A 616 16.17 28.69 17.41
C ILE A 616 13.36 28.68 17.97
C ILE A 616 14.67 28.64 17.73
N VAL A 617 12.56 29.75 18.10
N VAL A 617 14.02 29.81 17.75
CA VAL A 617 11.12 29.67 18.22
CA VAL A 617 12.57 29.84 17.94
C VAL A 617 10.56 28.97 16.99
C VAL A 617 11.91 29.13 16.76
N LEU A 618 11.07 29.35 15.82
N LEU A 618 12.37 29.40 15.54
CA LEU A 618 10.65 28.74 14.56
CA LEU A 618 11.75 28.75 14.41
C LEU A 618 10.90 27.23 14.60
C LEU A 618 12.02 27.24 14.51
N ARG A 619 12.14 26.84 14.95
N ARG A 619 13.20 26.89 14.98
CA ARG A 619 12.56 25.44 14.91
CA ARG A 619 13.54 25.48 15.00
C ARG A 619 11.85 24.66 16.03
C ARG A 619 12.62 24.76 15.99
N MET A 620 11.63 25.32 17.18
N MET A 620 12.34 25.40 17.13
CA MET A 620 10.83 24.72 18.24
CA MET A 620 11.51 24.80 18.17
C MET A 620 9.47 24.39 17.65
C MET A 620 10.08 24.54 17.67
N MET A 621 8.84 25.40 17.04
N MET A 621 9.48 25.46 16.90
CA MET A 621 7.54 25.12 16.46
CA MET A 621 8.08 25.30 16.53
C MET A 621 7.67 24.20 15.22
C MET A 621 7.89 24.24 15.43
N ASN A 622 8.78 24.22 14.45
CA ASN A 622 8.85 23.21 13.38
C ASN A 622 9.04 21.81 14.01
N ASP A 623 9.81 21.73 15.10
CA ASP A 623 9.96 20.43 15.78
C ASP A 623 8.61 19.96 16.33
N GLN A 624 7.83 20.89 16.93
CA GLN A 624 6.51 20.51 17.39
C GLN A 624 5.69 20.00 16.21
N LEU A 625 5.76 20.69 15.06
CA LEU A 625 5.01 20.20 13.89
C LEU A 625 5.51 18.82 13.43
N MET A 626 6.83 18.66 13.39
CA MET A 626 7.37 17.40 12.91
C MET A 626 7.02 16.25 13.86
N PHE A 627 7.11 16.49 15.17
CA PHE A 627 6.96 15.39 16.12
C PHE A 627 5.49 15.12 16.46
N LEU A 628 4.57 15.85 15.82
CA LEU A 628 3.15 15.66 16.12
C LEU A 628 2.68 14.31 15.55
N GLU A 629 3.01 14.00 14.28
CA GLU A 629 2.65 12.65 13.83
C GLU A 629 3.31 11.61 14.74
N ARG A 630 4.53 11.94 15.12
CA ARG A 630 5.35 11.04 15.93
C ARG A 630 4.67 10.74 17.28
N ALA A 631 3.92 11.70 17.81
CA ALA A 631 3.29 11.49 19.12
C ALA A 631 2.21 10.41 19.08
N PHE A 632 1.66 10.06 17.90
CA PHE A 632 0.63 9.04 17.86
C PHE A 632 1.18 7.63 17.92
N ILE A 633 2.50 7.50 17.98
CA ILE A 633 3.10 6.16 18.06
C ILE A 633 3.03 5.71 19.51
N ASP A 634 2.65 4.45 19.71
CA ASP A 634 2.77 3.79 21.01
C ASP A 634 3.90 2.78 20.92
N PRO A 635 4.96 2.85 21.74
CA PRO A 635 6.09 1.96 21.51
C PRO A 635 5.73 0.50 21.83
N LEU A 636 4.61 0.27 22.52
CA LEU A 636 4.21 -1.12 22.75
C LEU A 636 3.44 -1.73 21.55
N GLY A 637 3.12 -0.92 20.53
CA GLY A 637 2.46 -1.45 19.34
C GLY A 637 1.00 -1.79 19.61
N LEU A 638 0.24 -2.21 18.58
CA LEU A 638 -1.12 -2.67 18.78
C LEU A 638 -1.11 -4.15 19.12
N PRO A 639 -2.21 -4.70 19.70
CA PRO A 639 -2.21 -6.12 20.12
C PRO A 639 -1.79 -7.10 19.05
N ASP A 640 -0.74 -7.87 19.37
CA ASP A 640 -0.16 -8.91 18.52
C ASP A 640 0.30 -8.35 17.17
N ARG A 641 0.41 -7.02 17.06
CA ARG A 641 0.99 -6.45 15.85
C ARG A 641 2.00 -5.40 16.29
N PRO A 642 3.19 -5.80 16.75
CA PRO A 642 4.11 -4.83 17.30
C PRO A 642 4.67 -3.77 16.36
N PHE A 643 4.63 -3.98 15.04
CA PHE A 643 5.16 -3.03 14.07
C PHE A 643 4.05 -2.09 13.56
N TYR A 644 2.82 -2.25 14.03
CA TYR A 644 1.80 -1.22 13.81
C TYR A 644 1.66 -0.45 15.12
N ARG A 645 2.30 0.73 15.24
N ARG A 645 2.30 0.73 15.18
CA ARG A 645 2.41 1.41 16.52
CA ARG A 645 2.54 1.43 16.43
C ARG A 645 1.58 2.69 16.55
C ARG A 645 1.71 2.72 16.49
N HIS A 646 1.06 3.09 15.38
CA HIS A 646 0.30 4.33 15.33
C HIS A 646 -1.08 4.03 15.92
N VAL A 647 -1.55 4.86 16.85
CA VAL A 647 -2.79 4.54 17.56
C VAL A 647 -3.98 5.04 16.77
N ILE A 648 -3.79 6.00 15.87
CA ILE A 648 -4.97 6.51 15.13
C ILE A 648 -5.21 5.64 13.89
N TYR A 649 -4.14 5.25 13.19
CA TYR A 649 -4.24 4.52 11.93
C TYR A 649 -3.48 3.21 11.92
N ALA A 650 -4.16 2.11 11.50
CA ALA A 650 -3.42 0.90 11.17
C ALA A 650 -4.07 0.31 9.91
N PRO A 651 -3.36 -0.59 9.21
CA PRO A 651 -3.95 -1.34 8.11
C PRO A 651 -5.02 -2.21 8.75
N SER A 652 -6.17 -2.27 8.07
CA SER A 652 -7.26 -3.12 8.52
C SER A 652 -6.80 -4.55 8.76
N SER A 653 -7.22 -5.11 9.91
CA SER A 653 -6.88 -6.53 10.23
C SER A 653 -7.55 -7.49 9.23
N HIS A 654 -8.54 -6.98 8.49
CA HIS A 654 -9.24 -7.82 7.50
C HIS A 654 -8.81 -7.51 6.07
N ASN A 655 -7.97 -6.47 5.88
CA ASN A 655 -7.65 -6.10 4.50
C ASN A 655 -6.49 -5.11 4.59
N LYS A 656 -5.26 -5.59 4.40
CA LYS A 656 -4.07 -4.76 4.57
C LYS A 656 -4.10 -3.52 3.70
N TYR A 657 -4.84 -3.56 2.56
CA TYR A 657 -4.85 -2.33 1.74
C TYR A 657 -5.61 -1.17 2.34
N ALA A 658 -6.61 -1.45 3.18
CA ALA A 658 -7.49 -0.41 3.70
C ALA A 658 -6.95 0.13 5.02
N GLY A 659 -7.12 1.42 5.28
CA GLY A 659 -6.75 1.87 6.61
C GLY A 659 -7.96 1.77 7.55
N GLU A 660 -7.68 1.59 8.86
CA GLU A 660 -8.76 1.63 9.83
C GLU A 660 -8.39 2.72 10.84
N SER A 661 -9.37 3.46 11.35
CA SER A 661 -9.10 4.44 12.39
C SER A 661 -9.42 3.88 13.77
N PHE A 662 -8.74 4.41 14.80
CA PHE A 662 -8.72 3.86 16.15
C PHE A 662 -8.73 2.33 16.06
N PRO A 663 -7.72 1.75 15.37
CA PRO A 663 -7.70 0.31 15.12
C PRO A 663 -7.76 -0.53 16.38
N GLY A 664 -7.10 -0.08 17.49
CA GLY A 664 -7.12 -0.88 18.70
C GLY A 664 -8.57 -1.11 19.18
N ILE A 665 -9.33 -0.02 19.29
CA ILE A 665 -10.76 -0.09 19.68
C ILE A 665 -11.54 -0.84 18.61
N TYR A 666 -11.29 -0.55 17.32
CA TYR A 666 -12.12 -1.19 16.30
C TYR A 666 -12.04 -2.72 16.41
N ASP A 667 -10.81 -3.25 16.51
CA ASP A 667 -10.58 -4.69 16.55
C ASP A 667 -11.13 -5.27 17.87
N ALA A 668 -11.05 -4.50 18.97
CA ALA A 668 -11.64 -4.97 20.22
C ALA A 668 -13.16 -5.10 20.08
N LEU A 669 -13.78 -4.21 19.30
CA LEU A 669 -15.25 -4.28 19.11
C LEU A 669 -15.69 -5.26 18.01
N PHE A 670 -14.79 -5.65 17.12
CA PHE A 670 -15.17 -6.40 15.93
C PHE A 670 -15.70 -7.77 16.33
N ASP A 671 -16.92 -8.09 15.88
CA ASP A 671 -17.52 -9.41 16.13
C ASP A 671 -17.64 -9.70 17.62
N ILE A 672 -17.79 -8.65 18.46
CA ILE A 672 -17.70 -8.86 19.91
C ILE A 672 -18.87 -9.72 20.42
N GLU A 673 -20.00 -9.66 19.72
CA GLU A 673 -21.18 -10.41 20.15
C GLU A 673 -20.94 -11.91 20.08
N SER A 674 -19.85 -12.34 19.43
CA SER A 674 -19.51 -13.75 19.29
C SER A 674 -18.55 -14.22 20.36
N LYS A 675 -17.98 -13.32 21.17
CA LYS A 675 -16.95 -13.73 22.11
C LYS A 675 -17.60 -14.51 23.25
N VAL A 676 -16.93 -15.52 23.79
CA VAL A 676 -17.59 -16.38 24.78
C VAL A 676 -17.54 -15.74 26.17
N ASP A 677 -16.55 -14.86 26.39
CA ASP A 677 -16.40 -14.19 27.67
C ASP A 677 -16.61 -12.69 27.47
N PRO A 678 -17.87 -12.20 27.49
CA PRO A 678 -18.13 -10.78 27.22
C PRO A 678 -17.48 -9.81 28.18
N SER A 679 -17.36 -10.21 29.45
N SER A 679 -17.34 -10.18 29.46
CA SER A 679 -16.71 -9.37 30.44
CA SER A 679 -16.70 -9.26 30.40
C SER A 679 -15.27 -9.07 30.01
C SER A 679 -15.24 -9.06 30.03
N LYS A 680 -14.58 -10.14 29.62
CA LYS A 680 -13.20 -10.02 29.18
C LYS A 680 -13.15 -9.16 27.90
N ALA A 681 -14.04 -9.44 26.94
CA ALA A 681 -14.04 -8.72 25.67
C ALA A 681 -14.30 -7.23 25.87
N TRP A 682 -15.32 -6.87 26.68
CA TRP A 682 -15.62 -5.46 26.92
C TRP A 682 -14.55 -4.80 27.77
N GLY A 683 -13.89 -5.57 28.65
CA GLY A 683 -12.73 -5.06 29.39
C GLY A 683 -11.65 -4.56 28.42
N GLU A 684 -11.47 -5.34 27.34
CA GLU A 684 -10.42 -5.01 26.39
C GLU A 684 -10.87 -3.83 25.55
N VAL A 685 -12.18 -3.74 25.22
CA VAL A 685 -12.65 -2.48 24.65
C VAL A 685 -12.26 -1.29 25.51
N LYS A 686 -12.57 -1.35 26.81
CA LYS A 686 -12.26 -0.22 27.67
C LYS A 686 -10.75 0.06 27.74
N ARG A 687 -9.95 -1.01 27.77
CA ARG A 687 -8.50 -0.81 27.75
C ARG A 687 -8.08 -0.01 26.52
N GLN A 688 -8.65 -0.33 25.35
CA GLN A 688 -8.28 0.33 24.10
C GLN A 688 -8.78 1.77 24.08
N ILE A 689 -9.96 2.03 24.70
CA ILE A 689 -10.43 3.39 24.85
C ILE A 689 -9.43 4.21 25.64
N TYR A 690 -8.95 3.67 26.77
CA TYR A 690 -7.96 4.34 27.61
C TYR A 690 -6.67 4.63 26.84
N VAL A 691 -6.18 3.62 26.14
CA VAL A 691 -4.94 3.84 25.35
C VAL A 691 -5.14 4.94 24.31
N ALA A 692 -6.29 4.92 23.62
CA ALA A 692 -6.49 5.94 22.59
C ALA A 692 -6.64 7.33 23.20
N ALA A 693 -7.44 7.46 24.28
CA ALA A 693 -7.64 8.75 24.93
C ALA A 693 -6.31 9.31 25.42
N PHE A 694 -5.53 8.43 26.05
CA PHE A 694 -4.24 8.88 26.55
C PHE A 694 -3.34 9.34 25.41
N THR A 695 -3.30 8.58 24.31
CA THR A 695 -2.36 8.96 23.24
C THR A 695 -2.79 10.27 22.61
N VAL A 696 -4.13 10.45 22.41
CA VAL A 696 -4.60 11.71 21.86
C VAL A 696 -4.22 12.87 22.76
N GLN A 697 -4.49 12.75 24.08
CA GLN A 697 -4.10 13.81 25.00
C GLN A 697 -2.58 14.03 24.98
N ALA A 698 -1.83 12.92 24.96
CA ALA A 698 -0.38 13.08 24.94
C ALA A 698 0.08 13.82 23.68
N ALA A 699 -0.54 13.49 22.52
CA ALA A 699 -0.18 14.19 21.29
C ALA A 699 -0.52 15.67 21.40
N ALA A 700 -1.75 15.96 21.88
CA ALA A 700 -2.14 17.35 22.09
C ALA A 700 -1.09 18.11 22.90
N GLU A 701 -0.61 17.49 24.00
CA GLU A 701 0.31 18.18 24.90
C GLU A 701 1.65 18.50 24.27
N THR A 702 2.01 17.81 23.17
CA THR A 702 3.25 18.16 22.47
C THR A 702 3.12 19.54 21.79
N LEU A 703 1.87 20.01 21.63
CA LEU A 703 1.58 21.30 21.00
C LEU A 703 1.37 22.40 22.03
N SER A 704 1.32 22.06 23.35
CA SER A 704 1.29 23.11 24.36
C SER A 704 2.60 23.90 24.36
N GLU A 705 2.58 25.10 24.97
CA GLU A 705 3.86 25.78 25.27
C GLU A 705 4.79 24.81 26.01
N VAL A 706 6.06 24.85 25.61
CA VAL A 706 7.00 23.80 25.98
C VAL A 706 7.45 23.96 27.44
N ALA A 707 7.31 25.17 28.00
CA ALA A 707 7.72 25.44 29.37
C ALA A 707 7.10 26.77 29.81
C1 NAG B . 18.16 2.93 -20.52
C2 NAG B . 18.74 2.03 -21.60
C3 NAG B . 20.23 1.78 -21.37
C4 NAG B . 21.01 3.05 -21.04
C5 NAG B . 20.26 3.90 -20.03
C6 NAG B . 20.99 5.21 -19.76
C7 NAG B . 17.15 0.51 -22.61
C8 NAG B . 16.55 -0.85 -22.57
N2 NAG B . 18.03 0.77 -21.63
O3 NAG B . 20.81 1.22 -22.55
O4 NAG B . 22.23 2.62 -20.44
O5 NAG B . 18.93 4.15 -20.48
O6 NAG B . 20.87 6.00 -20.93
O7 NAG B . 16.84 1.31 -23.49
C1 NAG B . 23.36 3.17 -21.16
C2 NAG B . 24.59 3.19 -20.25
C3 NAG B . 25.91 3.52 -20.97
C4 NAG B . 26.04 2.78 -22.31
C5 NAG B . 24.74 2.96 -23.12
C6 NAG B . 24.76 2.19 -24.44
C7 NAG B . 24.13 3.78 -17.92
C8 NAG B . 24.10 4.92 -16.94
N2 NAG B . 24.38 4.15 -19.17
O3 NAG B . 26.96 3.13 -20.07
O4 NAG B . 27.22 3.20 -23.04
O5 NAG B . 23.64 2.44 -22.36
O6 NAG B . 24.77 0.79 -24.14
O7 NAG B . 23.90 2.62 -17.59
C1 NAG C . -1.41 -32.74 -17.18
C2 NAG C . -1.68 -33.71 -18.34
C3 NAG C . -1.31 -35.14 -17.95
C4 NAG C . 0.10 -35.23 -17.33
C5 NAG C . 0.35 -34.10 -16.29
C6 NAG C . 1.81 -34.05 -15.89
C7 NAG C . -3.58 -33.09 -19.76
C8 NAG C . -5.08 -33.12 -19.90
N2 NAG C . -3.08 -33.71 -18.70
O3 NAG C . -1.38 -35.94 -19.14
O4 NAG C . 0.28 -36.55 -16.73
O5 NAG C . -0.02 -32.82 -16.82
O6 NAG C . 2.60 -33.64 -17.04
O7 NAG C . -2.88 -32.54 -20.59
C1 NAG C . 1.55 -37.13 -17.13
C2 NAG C . 1.93 -38.17 -16.07
C3 NAG C . 3.13 -39.03 -16.50
C4 NAG C . 2.98 -39.53 -17.94
C5 NAG C . 2.81 -38.29 -18.83
C6 NAG C . 2.88 -38.60 -20.34
C7 NAG C . 1.32 -37.38 -13.84
C8 NAG C . 1.79 -36.72 -12.58
N2 NAG C . 2.22 -37.50 -14.81
O3 NAG C . 3.23 -40.15 -15.65
O4 NAG C . 4.10 -40.37 -18.29
O5 NAG C . 1.55 -37.66 -18.47
O6 NAG C . 1.70 -39.28 -20.75
O7 NAG C . 0.16 -37.78 -13.96
C1 NAG D . -2.78 27.31 2.50
C2 NAG D . -1.82 27.39 3.69
C3 NAG D . -2.47 28.24 4.77
C4 NAG D . -2.97 29.57 4.21
C5 NAG D . -3.92 29.35 3.03
C6 NAG D . -4.42 30.63 2.32
C7 NAG D . -0.33 25.52 4.32
C8 NAG D . 0.77 26.38 3.83
N2 NAG D . -1.54 26.06 4.23
O3 NAG D . -1.47 28.48 5.75
O4 NAG D . -3.66 30.19 5.30
O5 NAG D . -3.15 28.64 2.06
O6 NAG D . -3.26 31.33 1.84
O7 NAG D . -0.13 24.38 4.79
C1 NAG D . -3.25 31.57 5.41
C2 NAG D . -4.25 32.24 6.32
C3 NAG D . -3.82 33.65 6.71
C4 NAG D . -2.36 33.65 7.19
C5 NAG D . -1.48 32.95 6.14
C6 NAG D . 0.02 32.91 6.49
C7 NAG D . -6.58 31.47 5.98
C8 NAG D . -6.41 30.43 7.04
N2 NAG D . -5.54 32.26 5.66
O3 NAG D . -4.68 34.16 7.72
O4 NAG D . -1.91 34.99 7.32
O5 NAG D . -1.95 31.62 5.95
O6 NAG D . 0.12 32.45 7.85
O7 NAG D . -7.65 31.57 5.42
C1 BMA D . -1.76 35.37 8.69
C2 BMA D . -0.55 36.29 8.84
C3 BMA D . -0.42 36.85 10.27
C4 BMA D . -1.78 37.36 10.77
C5 BMA D . -2.82 36.25 10.61
C6 BMA D . -4.18 36.56 11.26
O2 BMA D . -0.64 37.35 7.89
O3 BMA D . 0.62 37.83 10.37
O4 BMA D . -1.68 37.70 12.16
O5 BMA D . -2.96 35.97 9.21
O6 BMA D . -4.87 37.53 10.46
C1 NAG E . -8.73 17.55 28.93
C2 NAG E . -8.27 16.35 29.76
C3 NAG E . -8.84 16.56 31.16
C4 NAG E . -8.32 17.88 31.80
C5 NAG E . -8.66 19.05 30.87
C6 NAG E . -7.93 20.32 31.35
C7 NAG E . -7.89 14.03 29.10
C8 NAG E . -8.49 12.81 28.45
N2 NAG E . -8.72 15.08 29.16
O3 NAG E . -8.44 15.46 31.94
O4 NAG E . -8.97 18.19 33.06
O5 NAG E . -8.19 18.72 29.55
O6 NAG E . -8.63 21.52 30.96
O7 NAG E . -6.74 14.07 29.54
C1 NAG E . -8.43 17.47 34.17
C2 NAG E . -8.32 18.37 35.39
C3 NAG E . -7.99 17.54 36.63
C4 NAG E . -9.07 16.46 36.82
C5 NAG E . -9.18 15.61 35.56
C6 NAG E . -10.37 14.64 35.62
C7 NAG E . -7.50 20.64 34.91
C8 NAG E . -8.93 21.15 34.92
N2 NAG E . -7.27 19.35 35.21
O3 NAG E . -7.84 18.41 37.78
O4 NAG E . -8.69 15.53 37.85
O5 NAG E . -9.37 16.43 34.40
O6 NAG E . -10.11 13.54 34.74
O7 NAG E . -6.56 21.38 34.61
C1 BMA E . -9.20 15.96 39.13
C2 BMA E . -9.63 14.72 39.91
C3 BMA E . -10.06 15.03 41.32
C4 BMA E . -8.93 15.82 41.99
C5 BMA E . -8.58 17.05 41.17
C6 BMA E . -7.44 17.82 41.77
O2 BMA E . -8.47 13.86 40.01
O3 BMA E . -10.16 13.76 41.97
O4 BMA E . -9.33 16.14 43.31
O5 BMA E . -8.18 16.66 39.84
O6 BMA E . -7.02 18.70 40.74
C1 MAN E . -11.36 13.67 42.77
C2 MAN E . -11.15 12.49 43.72
C3 MAN E . -11.23 11.18 42.94
C4 MAN E . -12.47 11.08 42.05
C5 MAN E . -12.60 12.35 41.19
C6 MAN E . -13.78 12.34 40.21
O2 MAN E . -12.20 12.56 44.67
O3 MAN E . -11.20 10.03 43.80
O4 MAN E . -12.30 9.92 41.20
O5 MAN E . -12.57 13.50 42.02
O6 MAN E . -15.05 12.51 40.87
C1 MAN E . -6.42 19.87 41.31
C2 MAN E . -6.47 21.01 40.28
C3 MAN E . -5.43 20.81 39.17
C4 MAN E . -4.05 20.38 39.71
C5 MAN E . -4.21 19.20 40.68
C6 MAN E . -2.90 18.60 41.22
O2 MAN E . -6.20 22.25 40.95
O3 MAN E . -5.33 22.03 38.40
O4 MAN E . -3.18 20.05 38.63
O5 MAN E . -5.07 19.64 41.76
O6 MAN E . -3.07 17.40 42.00
C1 NAG F . 13.61 -28.00 -8.74
C2 NAG F . 14.51 -28.32 -7.57
C3 NAG F . 15.57 -29.38 -7.90
C4 NAG F . 15.02 -30.55 -8.76
C5 NAG F . 14.16 -29.98 -9.92
C6 NAG F . 13.68 -31.02 -10.97
C7 NAG F . 14.99 -26.48 -6.04
C8 NAG F . 14.25 -27.22 -4.94
N2 NAG F . 15.19 -27.10 -7.20
O3 NAG F . 16.07 -29.82 -6.64
O4 NAG F . 16.10 -31.36 -9.28
O5 NAG F . 13.09 -29.18 -9.36
O6 NAG F . 12.43 -31.68 -10.69
O7 NAG F . 15.39 -25.36 -5.87
C1 NAG G . -14.97 -29.63 10.20
C2 NAG G . -15.53 -29.53 11.63
C3 NAG G . -14.40 -29.78 12.62
C4 NAG G . -13.79 -31.16 12.38
C5 NAG G . -13.39 -31.40 10.92
C6 NAG G . -13.09 -32.90 10.75
C7 NAG G . -17.50 -28.11 12.11
C8 NAG G . -18.49 -29.09 11.52
N2 NAG G . -16.19 -28.26 11.87
O3 NAG G . -14.95 -29.72 13.94
O4 NAG G . -12.66 -31.32 13.25
O5 NAG G . -14.39 -30.93 9.98
O6 NAG G . -13.34 -33.40 9.43
O7 NAG G . -17.90 -27.18 12.79
C1 NAG H . -9.45 7.16 -20.72
C2 NAG H . -9.97 5.78 -20.32
C3 NAG H . -11.20 5.38 -21.16
C4 NAG H . -12.28 6.47 -21.13
C5 NAG H . -11.63 7.80 -21.54
C6 NAG H . -12.62 8.98 -21.58
C7 NAG H . -8.55 4.12 -19.25
C8 NAG H . -7.46 3.11 -19.38
N2 NAG H . -8.88 4.81 -20.35
O3 NAG H . -11.83 4.22 -20.62
O4 NAG H . -13.42 6.13 -21.95
O5 NAG H . -10.54 8.09 -20.66
O6 NAG H . -13.32 9.11 -20.34
O7 NAG H . -9.11 4.28 -18.19
ZN ZN I . 2.75 -4.44 -7.19
ZN ZN J . 4.01 -1.31 -6.80
CA CA K . 14.52 -6.94 9.17
CL CL L . 1.77 5.65 -4.48
O1 KRZ M . -5.78 0.89 -5.28
C1 KRZ M . -5.91 1.49 -4.21
N1 KRZ M . -6.47 0.92 -3.13
C2 KRZ M . -6.87 -0.48 -3.10
C3 KRZ M . -5.82 -1.55 -3.47
C4 KRZ M . -4.38 -1.09 -3.35
O2 KRZ M . -4.04 -0.27 -2.51
N2 KRZ M . -3.52 -1.60 -4.24
C5 KRZ M . -2.09 -1.30 -4.28
C6 KRZ M . -1.44 -2.04 -5.46
C7 KRZ M . 0.04 -1.74 -5.61
N3 KRZ M . 0.76 -2.35 -4.51
C8 KRZ M . 1.14 -3.63 -4.56
O3 KRZ M . 0.96 -4.33 -5.55
N4 KRZ M . 1.78 -4.10 -3.46
C9 KRZ M . 2.11 -5.50 -3.32
C10 KRZ M . 2.81 -5.82 -1.98
C11 KRZ M . 1.98 -5.37 -0.79
C12 KRZ M . 2.47 -5.89 0.55
O4 KRZ M . 3.18 -6.93 0.57
O5 KRZ M . 2.10 -5.27 1.58
C13 KRZ M . 0.84 -6.37 -3.42
O6 KRZ M . 1.01 -7.53 -3.84
O7 KRZ M . -0.27 -5.86 -3.06
C14 KRZ M . -1.87 0.20 -4.50
O8 KRZ M . -0.90 0.73 -3.92
O9 KRZ M . -2.69 0.79 -5.24
C15 KRZ M . -5.37 2.89 -4.08
C16 KRZ M . -5.24 3.63 -5.25
C17 KRZ M . -4.69 4.90 -5.25
C18 KRZ M . -4.31 5.47 -4.04
I1 KRZ M . -3.51 7.40 -4.06
C19 KRZ M . -4.43 4.76 -2.86
C20 KRZ M . -4.95 3.48 -2.88
#